data_9VJX
#
_entry.id   9VJX
#
_cell.length_a   1.00
_cell.length_b   1.00
_cell.length_c   1.00
_cell.angle_alpha   90.00
_cell.angle_beta   90.00
_cell.angle_gamma   90.00
#
_symmetry.space_group_name_H-M   'P 1'
#
loop_
_entity.id
_entity.type
_entity.pdbx_description
1 polymer 'Diacylglycerol O-acyltransferase 1'
2 non-polymer 'OLEIC ACID'
3 non-polymer 'COENZYME A'
4 non-polymer '2,3-bis[[(Z)-octadec-9-enoyl]oxy]propyl (Z)-octadec-9-enoate'
5 non-polymer '2-(HEXADECANOYLOXY)-1-[(PHOSPHONOOXY)METHYL]ETHYL HEXADECANOATE'
6 non-polymer '[(2~{S})-2-[(~{Z})-octadec-9-enoyl]oxy-3-oxidanyl-propyl] (~{Z})-octadec-9-enoate'
7 non-polymer 'S-{(3R,5R,9R)-1-[(2R,3S,4R,5R)-5-(6-amino-9H-purin-9-yl)-4-hydroxy-3-(phosphonooxy)tetrahydrofuran-2-yl]-3,5,9-trihydroxy-8,8-dimethyl-3,5-dioxido-10,14-dioxo-2,4,6-trioxa-11,15-diaza-3lambda~5~,5lambda~5~-diphosphaheptadecan-17-yl} (9Z)-octadec-9-enethioate (non-preferred name)'
8 water water
#
_entity_poly.entity_id   1
_entity_poly.type   'polypeptide(L)'
_entity_poly.pdbx_seq_one_letter_code
;MAILDSAGVTTVTENGGGEFVDLDRLRRRKSRSDSSNGLLLSGSDNNSPSDDVGAPADVRDRIDSVVNDDAQGTANLAGD
NNGGGDNNGGGRGGGEGRGNADATFTYRPSVPAHRRARESPLSSDAIFKQSHAGLFNLCVVVLIAVNSRLIIENLMKYGW
LIRTDFWFSSRSLRDWPLFMCCISLSIFPLAAFTVEKLVLQKYISEPVVIFLHIIITMTEVLYPVYVTLRCDSAFLSGVT
LMLLTCIVWLKLVSYAHTSYDIRSLANAADKANPEVSYYVSLKSLAYFMVAPTLCYQPSYPRSACIRKGWVARQFAKLVI
FTGFMGFIIEQYINPIVRNSKHPLKGDLLYAIERVLKLSVPNLYVWLCMFYCFFHLWLNILAELLCFGDREFYKDWWNAK
SVGDYWRMWNMPVHKWMVRHIYFPCLRSKIPKTLAIIIAFLVSAVFAELCIAVPCRLFKLWAFLGIMFQVPLVFITNYLQ
ERFGSTVGNMIFWFIFCIFGQPMCVLLYYHDLMNRKGSMSGPHHHHHH
;
_entity_poly.pdbx_strand_id   B,A
#
# COMPACT_ATOMS: atom_id res chain seq x y z
N GLY A 97 34.65 5.51 -7.60
CA GLY A 97 34.75 5.28 -6.16
C GLY A 97 34.97 3.82 -5.80
N ARG A 98 34.20 3.36 -4.81
CA ARG A 98 34.30 1.98 -4.32
C ARG A 98 33.78 0.98 -5.36
N GLY A 99 32.55 1.17 -5.83
CA GLY A 99 32.02 0.31 -6.87
C GLY A 99 31.32 -0.92 -6.33
N ASN A 100 30.07 -1.12 -6.75
CA ASN A 100 29.29 -2.32 -6.44
C ASN A 100 28.97 -3.09 -7.72
N ALA A 101 29.95 -3.18 -8.61
CA ALA A 101 29.77 -3.73 -9.96
C ALA A 101 31.11 -4.23 -10.48
N ASP A 102 31.16 -4.45 -11.80
CA ASP A 102 32.29 -4.99 -12.56
C ASP A 102 33.51 -4.07 -12.46
N ALA A 103 34.71 -4.67 -12.44
CA ALA A 103 36.02 -4.02 -12.34
C ALA A 103 36.31 -3.02 -13.49
N THR A 104 37.37 -2.24 -13.28
CA THR A 104 37.60 -0.99 -14.01
C THR A 104 38.81 -1.05 -14.93
N PHE A 105 39.29 -2.24 -15.28
CA PHE A 105 40.34 -2.36 -16.29
C PHE A 105 39.79 -2.04 -17.66
N THR A 106 40.47 -1.13 -18.37
CA THR A 106 39.91 -0.49 -19.56
C THR A 106 39.94 -1.42 -20.77
N TYR A 107 38.77 -1.63 -21.37
CA TYR A 107 38.66 -2.21 -22.71
C TYR A 107 38.31 -1.12 -23.72
N ARG A 108 38.97 -1.16 -24.87
CA ARG A 108 38.92 -0.08 -25.85
C ARG A 108 37.56 -0.04 -26.58
N PRO A 109 37.18 1.10 -27.22
CA PRO A 109 35.91 1.13 -27.99
C PRO A 109 35.84 0.23 -29.23
N SER A 110 36.97 -0.21 -29.82
CA SER A 110 36.92 -1.13 -30.95
C SER A 110 36.42 -2.53 -30.58
N VAL A 111 36.55 -2.94 -29.31
CA VAL A 111 35.92 -4.15 -28.80
C VAL A 111 34.40 -3.95 -28.83
N PRO A 112 33.60 -4.87 -29.42
CA PRO A 112 32.14 -4.65 -29.51
C PRO A 112 31.41 -4.71 -28.18
N ALA A 113 30.30 -3.96 -28.13
CA ALA A 113 29.41 -3.92 -26.99
C ALA A 113 28.26 -4.91 -27.10
N HIS A 114 27.92 -5.32 -28.31
CA HIS A 114 26.86 -6.27 -28.55
C HIS A 114 27.48 -7.50 -29.20
N ARG A 115 27.43 -8.63 -28.52
CA ARG A 115 27.91 -9.89 -29.08
C ARG A 115 26.91 -11.02 -28.99
N ARG A 116 25.96 -10.97 -28.05
CA ARG A 116 24.95 -12.00 -27.86
C ARG A 116 23.58 -11.37 -27.99
N ALA A 117 22.67 -12.05 -28.69
CA ALA A 117 21.30 -11.57 -28.84
C ALA A 117 20.52 -11.94 -27.58
N ARG A 118 20.15 -10.95 -26.79
CA ARG A 118 19.38 -11.15 -25.57
C ARG A 118 17.93 -10.74 -25.80
N GLU A 119 17.14 -10.83 -24.73
CA GLU A 119 15.75 -10.40 -24.74
C GLU A 119 15.47 -9.53 -23.51
N SER A 120 14.58 -8.56 -23.71
CA SER A 120 14.27 -7.58 -22.68
C SER A 120 13.41 -8.17 -21.57
N PRO A 121 13.61 -7.75 -20.30
CA PRO A 121 12.66 -8.11 -19.22
C PRO A 121 11.24 -7.61 -19.48
N LEU A 122 10.28 -8.28 -18.78
CA LEU A 122 8.81 -8.17 -18.86
C LEU A 122 8.26 -8.66 -20.20
N SER A 123 9.03 -9.47 -20.94
CA SER A 123 8.64 -10.05 -22.21
C SER A 123 8.80 -11.56 -22.23
N SER A 124 8.91 -12.18 -21.05
CA SER A 124 9.12 -13.62 -20.92
C SER A 124 8.61 -14.03 -19.54
N ASP A 125 8.45 -15.34 -19.35
CA ASP A 125 8.01 -15.88 -18.08
C ASP A 125 9.13 -16.00 -17.03
N ALA A 126 10.39 -15.76 -17.41
CA ALA A 126 11.51 -15.82 -16.48
C ALA A 126 11.53 -14.69 -15.44
N ILE A 127 10.86 -13.57 -15.70
CA ILE A 127 10.74 -12.46 -14.74
C ILE A 127 9.88 -12.85 -13.52
N PHE A 128 8.95 -13.82 -13.66
CA PHE A 128 8.06 -14.22 -12.57
C PHE A 128 8.78 -15.04 -11.50
N LYS A 129 9.87 -15.71 -11.84
CA LYS A 129 10.67 -16.48 -10.87
C LYS A 129 11.79 -15.65 -10.26
N GLN A 130 11.45 -14.46 -9.73
CA GLN A 130 12.42 -13.53 -9.15
C GLN A 130 11.66 -12.71 -8.11
N SER A 131 12.35 -12.35 -7.03
CA SER A 131 11.75 -11.56 -5.97
C SER A 131 11.72 -10.08 -6.37
N HIS A 132 10.56 -9.46 -6.26
CA HIS A 132 10.37 -8.04 -6.54
C HIS A 132 9.94 -7.35 -5.24
N ALA A 133 10.93 -6.98 -4.43
CA ALA A 133 10.69 -6.35 -3.14
C ALA A 133 10.30 -4.89 -3.28
N GLY A 134 10.83 -4.20 -4.31
CA GLY A 134 10.60 -2.78 -4.53
C GLY A 134 9.19 -2.42 -4.89
N LEU A 135 8.43 -3.37 -5.46
CA LEU A 135 7.05 -3.14 -5.84
C LEU A 135 6.14 -3.02 -4.62
N PHE A 136 6.51 -3.66 -3.49
CA PHE A 136 5.76 -3.48 -2.25
C PHE A 136 6.29 -2.32 -1.41
N ASN A 137 7.62 -2.04 -1.51
CA ASN A 137 8.20 -0.84 -0.89
C ASN A 137 7.66 0.46 -1.49
N LEU A 138 7.33 0.45 -2.80
CA LEU A 138 6.66 1.56 -3.47
C LEU A 138 5.25 1.81 -2.88
N CYS A 139 4.50 0.73 -2.60
CA CYS A 139 3.16 0.81 -1.98
C CYS A 139 3.21 1.37 -0.57
N VAL A 140 4.23 0.96 0.21
CA VAL A 140 4.44 1.46 1.57
C VAL A 140 4.79 2.96 1.57
N VAL A 141 5.65 3.40 0.63
CA VAL A 141 6.06 4.82 0.49
C VAL A 141 4.87 5.71 0.05
N VAL A 142 4.03 5.19 -0.88
CA VAL A 142 2.82 5.89 -1.36
C VAL A 142 1.77 6.01 -0.25
N LEU A 143 1.66 4.97 0.62
CA LEU A 143 0.77 4.97 1.79
C LEU A 143 1.19 6.01 2.84
N ILE A 144 2.50 6.13 3.11
CA ILE A 144 3.05 7.13 4.05
C ILE A 144 2.81 8.55 3.55
N ALA A 145 3.02 8.78 2.23
CA ALA A 145 2.79 10.08 1.57
C ALA A 145 1.31 10.49 1.57
N VAL A 146 0.42 9.51 1.35
CA VAL A 146 -1.04 9.72 1.35
C VAL A 146 -1.55 10.10 2.74
N ASN A 147 -1.07 9.39 3.79
CA ASN A 147 -1.48 9.67 5.17
C ASN A 147 -0.91 10.99 5.67
N SER A 148 0.32 11.35 5.22
CA SER A 148 0.94 12.64 5.53
C SER A 148 0.16 13.81 4.92
N ARG A 149 -0.31 13.64 3.67
CA ARG A 149 -1.15 14.64 3.00
C ARG A 149 -2.49 14.82 3.68
N LEU A 150 -3.09 13.71 4.16
CA LEU A 150 -4.36 13.74 4.90
C LEU A 150 -4.23 14.48 6.24
N ILE A 151 -3.11 14.25 6.96
CA ILE A 151 -2.82 14.90 8.24
C ILE A 151 -2.62 16.41 8.06
N ILE A 152 -1.85 16.80 7.02
CA ILE A 152 -1.54 18.21 6.74
C ILE A 152 -2.79 18.98 6.25
N GLU A 153 -3.63 18.33 5.41
CA GLU A 153 -4.88 18.92 4.91
C GLU A 153 -5.92 19.09 6.02
N ASN A 154 -6.04 18.10 6.93
CA ASN A 154 -6.92 18.16 8.09
C ASN A 154 -6.48 19.24 9.07
N LEU A 155 -5.16 19.37 9.29
CA LEU A 155 -4.61 20.38 10.20
C LEU A 155 -4.78 21.80 9.63
N MET A 156 -4.63 21.96 8.31
CA MET A 156 -4.84 23.27 7.67
C MET A 156 -6.30 23.68 7.69
N LYS A 157 -7.23 22.73 7.47
CA LYS A 157 -8.65 23.06 7.45
C LYS A 157 -9.19 23.36 8.84
N TYR A 158 -8.85 22.55 9.83
CA TYR A 158 -9.50 22.59 11.14
C TYR A 158 -8.60 23.09 12.27
N GLY A 159 -7.38 22.58 12.37
CA GLY A 159 -6.51 22.93 13.47
C GLY A 159 -6.62 21.93 14.62
N TRP A 160 -6.09 22.34 15.77
CA TRP A 160 -6.19 21.55 17.00
C TRP A 160 -7.59 21.56 17.58
N LEU A 161 -8.27 20.42 17.48
CA LEU A 161 -9.63 20.24 17.96
C LEU A 161 -9.69 19.50 19.28
N ILE A 162 -8.56 19.31 19.94
CA ILE A 162 -8.49 18.53 21.17
C ILE A 162 -8.89 19.43 22.33
N ARG A 163 -9.82 18.96 23.16
CA ARG A 163 -10.28 19.67 24.34
C ARG A 163 -10.15 18.78 25.56
N THR A 164 -9.94 19.41 26.72
CA THR A 164 -9.76 18.70 27.98
C THR A 164 -11.06 18.21 28.61
N ASP A 165 -12.22 18.59 28.07
CA ASP A 165 -13.50 18.20 28.64
C ASP A 165 -14.32 17.30 27.72
N PHE A 166 -13.72 16.80 26.63
CA PHE A 166 -14.42 15.98 25.65
C PHE A 166 -14.76 14.60 26.20
N TRP A 167 -13.76 13.94 26.82
CA TRP A 167 -13.95 12.56 27.28
C TRP A 167 -14.45 12.51 28.71
N PHE A 168 -13.68 13.07 29.63
CA PHE A 168 -13.96 12.98 31.07
C PHE A 168 -14.16 14.40 31.56
N SER A 169 -15.36 14.67 32.09
CA SER A 169 -15.72 16.01 32.54
C SER A 169 -16.22 15.98 33.98
N SER A 170 -16.70 17.13 34.48
CA SER A 170 -17.26 17.22 35.81
C SER A 170 -18.73 16.82 35.88
N ARG A 171 -19.34 16.40 34.76
CA ARG A 171 -20.69 15.85 34.71
C ARG A 171 -20.66 14.40 35.21
N SER A 172 -20.64 14.25 36.54
CA SER A 172 -20.62 12.94 37.18
C SER A 172 -22.00 12.37 37.48
N LEU A 173 -23.06 12.93 36.83
CA LEU A 173 -24.44 12.43 36.93
C LEU A 173 -24.60 11.08 36.24
N ARG A 174 -23.73 10.80 35.27
CA ARG A 174 -23.75 9.54 34.56
C ARG A 174 -23.16 8.43 35.43
N ASP A 175 -22.27 8.80 36.39
CA ASP A 175 -21.47 7.80 37.11
C ASP A 175 -22.29 6.98 38.10
N TRP A 176 -22.84 7.64 39.13
CA TRP A 176 -23.45 6.94 40.28
C TRP A 176 -24.72 6.07 40.06
N PRO A 177 -25.76 6.42 39.25
CA PRO A 177 -26.88 5.46 39.08
C PRO A 177 -26.55 4.21 38.26
N LEU A 178 -25.51 4.23 37.44
CA LEU A 178 -25.15 3.06 36.65
C LEU A 178 -24.02 2.19 37.21
N PHE A 179 -22.99 2.80 37.83
CA PHE A 179 -21.89 2.05 38.50
C PHE A 179 -22.37 1.29 39.73
N MET A 180 -23.42 1.79 40.40
CA MET A 180 -24.09 1.08 41.49
C MET A 180 -24.78 -0.16 40.96
N CYS A 181 -25.36 -0.05 39.74
CA CYS A 181 -25.98 -1.16 39.03
C CYS A 181 -24.94 -2.20 38.64
N CYS A 182 -23.70 -1.72 38.35
CA CYS A 182 -22.53 -2.56 38.07
C CYS A 182 -22.19 -3.40 39.29
N ILE A 183 -22.29 -2.80 40.48
CA ILE A 183 -22.09 -3.56 41.70
C ILE A 183 -23.31 -4.42 41.99
N SER A 184 -24.51 -3.93 41.58
CA SER A 184 -25.76 -4.68 41.78
C SER A 184 -25.95 -5.84 40.81
N LEU A 185 -25.09 -5.98 39.79
CA LEU A 185 -25.04 -7.17 38.96
C LEU A 185 -24.34 -8.36 39.64
N SER A 186 -23.82 -8.25 40.88
CA SER A 186 -23.16 -9.36 41.54
C SER A 186 -24.09 -10.15 42.45
N ILE A 187 -25.37 -9.79 42.51
CA ILE A 187 -26.32 -10.52 43.35
C ILE A 187 -27.02 -11.63 42.60
N PHE A 188 -26.94 -11.65 41.27
CA PHE A 188 -27.55 -12.69 40.44
C PHE A 188 -26.79 -14.03 40.40
N PRO A 189 -25.42 -14.13 40.29
CA PRO A 189 -24.79 -15.47 40.48
C PRO A 189 -24.95 -16.15 41.84
N LEU A 190 -25.00 -15.37 42.94
CA LEU A 190 -25.22 -15.90 44.30
C LEU A 190 -26.59 -16.51 44.48
N ALA A 191 -27.61 -15.88 43.85
CA ALA A 191 -28.99 -16.37 43.80
C ALA A 191 -29.06 -17.68 43.03
N ALA A 192 -28.29 -17.74 41.92
CA ALA A 192 -28.15 -18.93 41.07
C ALA A 192 -27.46 -20.05 41.83
N PHE A 193 -26.47 -19.67 42.67
CA PHE A 193 -25.72 -20.55 43.56
C PHE A 193 -26.62 -21.19 44.60
N THR A 194 -27.58 -20.39 45.11
CA THR A 194 -28.59 -20.81 46.08
C THR A 194 -29.52 -21.85 45.50
N VAL A 195 -29.90 -21.67 44.20
CA VAL A 195 -30.76 -22.58 43.42
C VAL A 195 -30.06 -23.92 43.23
N GLU A 196 -28.74 -23.86 42.95
CA GLU A 196 -27.90 -25.04 42.74
C GLU A 196 -27.73 -25.83 44.03
N LYS A 197 -27.60 -25.11 45.16
CA LYS A 197 -27.55 -25.73 46.48
C LYS A 197 -28.88 -26.36 46.84
N LEU A 198 -30.00 -25.71 46.42
CA LEU A 198 -31.34 -26.26 46.61
C LEU A 198 -31.58 -27.53 45.78
N VAL A 199 -30.87 -27.73 44.67
CA VAL A 199 -31.00 -29.01 43.99
C VAL A 199 -29.94 -30.01 44.48
N LEU A 200 -28.84 -29.54 45.13
CA LEU A 200 -27.80 -30.46 45.63
C LEU A 200 -28.30 -31.33 46.79
N GLN A 201 -28.90 -30.73 47.80
CA GLN A 201 -29.72 -31.49 48.73
C GLN A 201 -31.07 -31.68 48.05
N LYS A 202 -31.68 -32.86 48.20
CA LYS A 202 -32.90 -33.19 47.46
C LYS A 202 -34.10 -32.45 48.07
N TYR A 203 -34.27 -31.18 47.66
CA TYR A 203 -35.37 -30.34 48.12
C TYR A 203 -36.34 -29.91 47.03
N ILE A 204 -35.85 -29.67 45.81
CA ILE A 204 -36.69 -29.27 44.68
C ILE A 204 -36.32 -30.10 43.46
N SER A 205 -37.20 -30.09 42.47
CA SER A 205 -37.04 -30.88 41.25
C SER A 205 -36.37 -30.07 40.12
N GLU A 206 -36.02 -30.81 39.06
CA GLU A 206 -35.33 -30.27 37.88
C GLU A 206 -36.09 -29.20 37.05
N PRO A 207 -37.41 -29.35 36.65
CA PRO A 207 -38.09 -28.24 35.93
C PRO A 207 -38.23 -26.93 36.70
N VAL A 208 -38.34 -27.01 38.03
CA VAL A 208 -38.32 -25.84 38.92
C VAL A 208 -36.97 -25.12 38.83
N VAL A 209 -35.86 -25.88 38.70
CA VAL A 209 -34.49 -25.36 38.55
C VAL A 209 -34.33 -24.61 37.22
N ILE A 210 -34.83 -25.21 36.12
CA ILE A 210 -34.78 -24.60 34.77
C ILE A 210 -35.65 -23.33 34.71
N PHE A 211 -36.85 -23.37 35.33
CA PHE A 211 -37.78 -22.23 35.41
C PHE A 211 -37.21 -21.06 36.24
N LEU A 212 -36.54 -21.38 37.37
CA LEU A 212 -35.85 -20.38 38.21
C LEU A 212 -34.66 -19.77 37.49
N HIS A 213 -33.91 -20.58 36.71
CA HIS A 213 -32.77 -20.11 35.92
C HIS A 213 -33.20 -19.13 34.83
N ILE A 214 -34.35 -19.40 34.19
CA ILE A 214 -34.96 -18.50 33.19
C ILE A 214 -35.37 -17.17 33.84
N ILE A 215 -35.92 -17.23 35.08
CA ILE A 215 -36.29 -16.02 35.86
C ILE A 215 -35.07 -15.15 36.23
N ILE A 216 -33.97 -15.79 36.71
CA ILE A 216 -32.74 -15.07 37.11
C ILE A 216 -32.03 -14.41 35.91
N THR A 217 -31.88 -15.16 34.78
CA THR A 217 -31.28 -14.62 33.56
C THR A 217 -32.13 -13.52 32.90
N MET A 218 -33.46 -13.70 32.86
CA MET A 218 -34.38 -12.69 32.31
C MET A 218 -34.41 -11.41 33.13
N THR A 219 -34.41 -11.52 34.48
CA THR A 219 -34.34 -10.36 35.38
C THR A 219 -33.00 -9.63 35.24
N GLU A 220 -31.92 -10.41 35.06
CA GLU A 220 -30.56 -9.92 34.83
C GLU A 220 -30.47 -9.15 33.51
N VAL A 221 -31.20 -9.59 32.47
CA VAL A 221 -31.24 -8.82 31.23
C VAL A 221 -32.08 -7.54 31.41
N LEU A 222 -33.28 -7.65 32.00
CA LEU A 222 -34.27 -6.57 31.94
C LEU A 222 -34.00 -5.40 32.87
N TYR A 223 -33.36 -5.64 34.05
CA TYR A 223 -33.20 -4.56 35.03
C TYR A 223 -32.17 -3.48 34.60
N PRO A 224 -30.91 -3.79 34.11
CA PRO A 224 -30.04 -2.70 33.58
C PRO A 224 -30.56 -1.98 32.35
N VAL A 225 -31.38 -2.65 31.51
CA VAL A 225 -32.01 -2.04 30.35
C VAL A 225 -32.98 -0.95 30.79
N TYR A 226 -33.79 -1.24 31.83
CA TYR A 226 -34.72 -0.28 32.44
C TYR A 226 -33.98 0.87 33.12
N VAL A 227 -32.85 0.57 33.78
CA VAL A 227 -32.01 1.59 34.45
C VAL A 227 -31.38 2.54 33.43
N THR A 228 -30.88 1.99 32.30
CA THR A 228 -30.27 2.80 31.24
C THR A 228 -31.33 3.61 30.47
N LEU A 229 -32.52 3.03 30.27
CA LEU A 229 -33.62 3.69 29.57
C LEU A 229 -34.23 4.81 30.39
N ARG A 230 -34.30 4.66 31.73
CA ARG A 230 -34.95 5.68 32.56
C ARG A 230 -34.06 6.92 32.74
N CYS A 231 -32.76 6.71 32.95
CA CYS A 231 -31.83 7.83 33.11
C CYS A 231 -31.45 8.43 31.75
N ASP A 232 -30.65 9.50 31.81
CA ASP A 232 -30.06 10.11 30.62
C ASP A 232 -28.57 10.29 30.87
N SER A 233 -27.76 9.42 30.26
CA SER A 233 -26.32 9.43 30.50
C SER A 233 -25.56 9.51 29.20
N ALA A 234 -24.24 9.35 29.27
CA ALA A 234 -23.38 9.33 28.09
C ALA A 234 -23.49 7.98 27.36
N PHE A 235 -22.90 7.95 26.17
CA PHE A 235 -22.83 6.73 25.37
C PHE A 235 -21.93 5.67 25.99
N LEU A 236 -20.76 6.10 26.55
CA LEU A 236 -19.71 5.18 27.02
C LEU A 236 -20.10 4.40 28.27
N SER A 237 -20.82 5.06 29.20
CA SER A 237 -21.31 4.44 30.43
C SER A 237 -22.35 3.37 30.13
N GLY A 238 -23.26 3.68 29.19
CA GLY A 238 -24.26 2.71 28.76
C GLY A 238 -23.68 1.52 28.01
N VAL A 239 -22.64 1.77 27.18
CA VAL A 239 -21.93 0.71 26.43
C VAL A 239 -21.20 -0.23 27.38
N THR A 240 -20.55 0.34 28.42
CA THR A 240 -19.85 -0.41 29.46
C THR A 240 -20.81 -1.27 30.29
N LEU A 241 -21.98 -0.69 30.68
CA LEU A 241 -23.01 -1.40 31.43
C LEU A 241 -23.64 -2.56 30.64
N MET A 242 -23.92 -2.33 29.33
CA MET A 242 -24.47 -3.37 28.45
C MET A 242 -23.48 -4.49 28.18
N LEU A 243 -22.18 -4.17 28.01
CA LEU A 243 -21.12 -5.16 27.80
C LEU A 243 -20.92 -6.04 29.03
N LEU A 244 -20.95 -5.44 30.23
CA LEU A 244 -20.88 -6.19 31.49
C LEU A 244 -22.11 -7.07 31.70
N THR A 245 -23.30 -6.57 31.31
CA THR A 245 -24.57 -7.32 31.39
C THR A 245 -24.56 -8.55 30.48
N CYS A 246 -24.05 -8.40 29.24
N CYS A 246 -24.04 -8.40 29.25
CA CYS A 246 -23.96 -9.53 28.29
CA CYS A 246 -23.95 -9.49 28.27
C CYS A 246 -22.95 -10.58 28.74
C CYS A 246 -22.96 -10.57 28.72
N ILE A 247 -21.80 -10.15 29.28
CA ILE A 247 -20.77 -11.06 29.78
C ILE A 247 -21.24 -11.86 31.00
N VAL A 248 -21.98 -11.21 31.92
CA VAL A 248 -22.58 -11.86 33.10
C VAL A 248 -23.68 -12.85 32.69
N TRP A 249 -24.47 -12.52 31.63
CA TRP A 249 -25.51 -13.41 31.08
C TRP A 249 -24.91 -14.68 30.46
N LEU A 250 -23.82 -14.53 29.68
CA LEU A 250 -23.12 -15.68 29.06
C LEU A 250 -22.51 -16.60 30.12
N LYS A 251 -21.91 -16.02 31.18
CA LYS A 251 -21.34 -16.79 32.30
C LYS A 251 -22.41 -17.55 33.09
N LEU A 252 -23.58 -16.91 33.33
CA LEU A 252 -24.68 -17.56 34.08
C LEU A 252 -25.31 -18.73 33.32
N VAL A 253 -25.52 -18.56 31.99
CA VAL A 253 -26.09 -19.62 31.14
C VAL A 253 -25.13 -20.80 31.04
N SER A 254 -23.81 -20.51 30.88
CA SER A 254 -22.76 -21.52 30.82
C SER A 254 -22.58 -22.29 32.13
N TYR A 255 -22.64 -21.56 33.27
CA TYR A 255 -22.53 -22.16 34.61
C TYR A 255 -23.70 -23.08 34.92
N ALA A 256 -24.93 -22.65 34.58
CA ALA A 256 -26.14 -23.43 34.81
C ALA A 256 -26.18 -24.71 33.98
N HIS A 257 -25.83 -24.60 32.67
CA HIS A 257 -25.82 -25.76 31.76
C HIS A 257 -24.73 -26.77 32.12
N THR A 258 -23.51 -26.28 32.42
CA THR A 258 -22.39 -27.14 32.77
C THR A 258 -22.60 -27.82 34.12
N SER A 259 -23.23 -27.11 35.08
CA SER A 259 -23.56 -27.67 36.39
C SER A 259 -24.65 -28.74 36.30
N TYR A 260 -25.64 -28.53 35.40
CA TYR A 260 -26.69 -29.53 35.14
C TYR A 260 -26.10 -30.80 34.51
N ASP A 261 -25.15 -30.63 33.56
CA ASP A 261 -24.51 -31.77 32.90
C ASP A 261 -23.64 -32.58 33.87
N ILE A 262 -22.92 -31.89 34.78
CA ILE A 262 -22.08 -32.52 35.80
C ILE A 262 -22.97 -33.27 36.82
N ARG A 263 -24.12 -32.66 37.18
CA ARG A 263 -25.11 -33.26 38.08
C ARG A 263 -25.78 -34.47 37.43
N SER A 264 -26.00 -34.41 36.11
CA SER A 264 -26.69 -35.45 35.37
C SER A 264 -25.76 -36.64 35.15
N LEU A 265 -24.45 -36.40 35.13
CA LEU A 265 -23.51 -37.50 34.96
C LEU A 265 -23.14 -38.12 36.31
N ALA A 266 -23.18 -37.31 37.38
CA ALA A 266 -22.90 -37.78 38.73
C ALA A 266 -24.09 -38.48 39.38
N ASN A 267 -25.32 -38.20 38.95
CA ASN A 267 -26.47 -38.92 39.48
C ASN A 267 -26.81 -40.19 38.71
N ALA A 268 -26.63 -40.23 37.39
CA ALA A 268 -27.08 -41.37 36.59
C ALA A 268 -26.10 -42.52 36.58
N ALA A 269 -24.85 -42.26 36.14
CA ALA A 269 -23.86 -43.31 35.90
C ALA A 269 -23.33 -43.96 37.18
N ASP A 270 -22.92 -43.15 38.16
CA ASP A 270 -22.31 -43.63 39.40
C ASP A 270 -22.32 -42.50 40.42
N LYS A 271 -22.80 -42.81 41.62
CA LYS A 271 -22.95 -41.84 42.71
C LYS A 271 -21.72 -41.93 43.60
N ALA A 272 -20.98 -40.83 43.68
CA ALA A 272 -19.78 -40.74 44.50
C ALA A 272 -19.50 -39.28 44.80
N ASN A 273 -18.74 -39.06 45.89
CA ASN A 273 -18.28 -37.79 46.48
C ASN A 273 -19.42 -36.85 46.88
N PRO A 274 -20.29 -37.17 47.90
CA PRO A 274 -21.40 -36.24 48.19
C PRO A 274 -21.15 -35.17 49.26
N GLU A 275 -21.58 -33.94 48.88
CA GLU A 275 -21.63 -32.69 49.63
C GLU A 275 -20.24 -32.11 49.85
N VAL A 276 -19.84 -31.31 48.86
CA VAL A 276 -18.53 -30.62 48.92
C VAL A 276 -18.71 -29.23 49.56
N SER A 277 -17.87 -28.90 50.52
CA SER A 277 -17.84 -27.60 51.24
C SER A 277 -18.34 -26.41 50.44
N TYR A 278 -19.26 -25.63 51.03
CA TYR A 278 -19.83 -24.41 50.43
C TYR A 278 -18.81 -23.30 50.10
N TYR A 279 -17.63 -23.30 50.73
CA TYR A 279 -16.67 -22.22 50.56
C TYR A 279 -15.84 -22.44 49.30
N VAL A 280 -15.52 -23.72 49.01
CA VAL A 280 -14.77 -24.09 47.82
C VAL A 280 -15.61 -23.88 46.56
N SER A 281 -16.92 -24.20 46.66
CA SER A 281 -17.89 -24.00 45.58
C SER A 281 -18.12 -22.51 45.30
N LEU A 282 -18.21 -21.71 46.39
CA LEU A 282 -18.34 -20.26 46.29
C LEU A 282 -17.09 -19.61 45.73
N LYS A 283 -15.90 -20.13 46.11
CA LYS A 283 -14.63 -19.69 45.57
C LYS A 283 -14.47 -20.00 44.08
N SER A 284 -14.91 -21.19 43.63
CA SER A 284 -14.85 -21.56 42.22
C SER A 284 -15.78 -20.70 41.35
N LEU A 285 -17.00 -20.44 41.85
CA LEU A 285 -17.95 -19.56 41.15
C LEU A 285 -17.47 -18.11 41.10
N ALA A 286 -16.90 -17.62 42.22
CA ALA A 286 -16.35 -16.26 42.32
C ALA A 286 -15.11 -16.10 41.44
N TYR A 287 -14.29 -17.16 41.34
CA TYR A 287 -13.14 -17.16 40.45
C TYR A 287 -13.57 -17.17 39.00
N PHE A 288 -14.62 -17.93 38.64
CA PHE A 288 -15.12 -17.99 37.27
C PHE A 288 -15.76 -16.67 36.82
N MET A 289 -16.41 -15.94 37.73
CA MET A 289 -17.10 -14.68 37.36
C MET A 289 -16.15 -13.51 37.07
N VAL A 290 -14.87 -13.60 37.42
CA VAL A 290 -13.89 -12.58 37.11
C VAL A 290 -12.81 -13.03 36.12
N ALA A 291 -12.73 -14.33 35.79
CA ALA A 291 -11.70 -14.86 34.91
C ALA A 291 -11.93 -14.46 33.45
N PRO A 292 -10.85 -14.42 32.58
CA PRO A 292 -11.07 -14.07 31.16
C PRO A 292 -11.51 -15.25 30.28
N THR A 293 -12.67 -15.83 30.60
CA THR A 293 -13.23 -16.97 29.89
C THR A 293 -14.73 -16.98 30.11
N LEU A 294 -15.43 -17.65 29.21
CA LEU A 294 -16.89 -17.74 29.26
C LEU A 294 -17.40 -19.15 29.51
N CYS A 295 -16.51 -20.11 29.78
CA CYS A 295 -16.91 -21.50 29.99
C CYS A 295 -16.56 -21.94 31.40
N TYR A 296 -17.53 -22.52 32.10
CA TYR A 296 -17.36 -22.85 33.52
C TYR A 296 -16.68 -24.20 33.67
N GLN A 297 -15.69 -24.26 34.55
CA GLN A 297 -15.04 -25.47 35.04
C GLN A 297 -14.87 -25.32 36.54
N PRO A 298 -14.91 -26.45 37.30
CA PRO A 298 -14.58 -26.38 38.74
C PRO A 298 -13.14 -25.97 39.05
N SER A 299 -12.20 -26.29 38.18
CA SER A 299 -10.81 -25.89 38.35
C SER A 299 -10.22 -25.61 36.96
N TYR A 300 -9.19 -24.78 36.95
CA TYR A 300 -8.51 -24.35 35.74
C TYR A 300 -7.01 -24.59 35.86
N PRO A 301 -6.29 -24.79 34.73
CA PRO A 301 -4.82 -24.78 34.80
C PRO A 301 -4.27 -23.42 35.20
N ARG A 302 -3.21 -23.44 36.01
CA ARG A 302 -2.63 -22.24 36.58
C ARG A 302 -1.27 -21.96 35.96
N SER A 303 -0.71 -20.82 36.35
CA SER A 303 0.60 -20.35 35.93
C SER A 303 1.50 -20.26 37.17
N ALA A 304 2.70 -19.71 36.98
CA ALA A 304 3.74 -19.72 38.01
C ALA A 304 3.43 -18.75 39.15
N CYS A 305 3.38 -17.45 38.85
CA CYS A 305 3.20 -16.37 39.83
C CYS A 305 2.85 -15.10 39.07
N ILE A 306 2.84 -13.97 39.79
CA ILE A 306 2.53 -12.67 39.22
C ILE A 306 3.84 -11.92 38.99
N ARG A 307 4.05 -11.45 37.76
CA ARG A 307 5.20 -10.63 37.41
C ARG A 307 4.74 -9.18 37.41
N LYS A 308 5.16 -8.42 38.45
CA LYS A 308 4.65 -7.06 38.70
C LYS A 308 5.14 -6.05 37.67
N GLY A 309 6.42 -6.15 37.28
CA GLY A 309 6.98 -5.27 36.26
C GLY A 309 6.38 -5.47 34.88
N TRP A 310 6.07 -6.74 34.55
CA TRP A 310 5.38 -7.10 33.31
C TRP A 310 3.98 -6.51 33.24
N VAL A 311 3.22 -6.57 34.36
CA VAL A 311 1.86 -6.04 34.49
C VAL A 311 1.86 -4.52 34.38
N ALA A 312 2.89 -3.88 35.00
CA ALA A 312 3.09 -2.43 34.93
C ALA A 312 3.42 -1.95 33.52
N ARG A 313 4.29 -2.72 32.80
CA ARG A 313 4.67 -2.41 31.42
C ARG A 313 3.50 -2.53 30.44
N GLN A 314 2.67 -3.60 30.57
CA GLN A 314 1.46 -3.79 29.73
C GLN A 314 0.41 -2.73 30.02
N PHE A 315 0.28 -2.33 31.30
CA PHE A 315 -0.63 -1.25 31.70
C PHE A 315 -0.22 0.09 31.10
N ALA A 316 1.10 0.37 31.06
CA ALA A 316 1.64 1.60 30.46
C ALA A 316 1.38 1.64 28.95
N LYS A 317 1.56 0.50 28.26
CA LYS A 317 1.25 0.38 26.84
C LYS A 317 -0.25 0.54 26.58
N LEU A 318 -1.10 0.00 27.48
CA LEU A 318 -2.56 0.11 27.37
C LEU A 318 -3.05 1.56 27.49
N VAL A 319 -2.50 2.33 28.45
CA VAL A 319 -2.90 3.73 28.61
C VAL A 319 -2.40 4.61 27.44
N ILE A 320 -1.18 4.31 26.90
CA ILE A 320 -0.64 5.04 25.74
C ILE A 320 -1.47 4.79 24.47
N PHE A 321 -1.84 3.51 24.21
CA PHE A 321 -2.65 3.17 23.04
C PHE A 321 -4.10 3.66 23.14
N THR A 322 -4.68 3.67 24.37
CA THR A 322 -6.01 4.25 24.59
C THR A 322 -6.03 5.76 24.36
N GLY A 323 -4.96 6.47 24.80
CA GLY A 323 -4.81 7.89 24.52
C GLY A 323 -4.66 8.21 23.04
N PHE A 324 -3.91 7.35 22.32
CA PHE A 324 -3.72 7.43 20.86
C PHE A 324 -5.04 7.25 20.11
N MET A 325 -5.84 6.27 20.58
CA MET A 325 -7.18 5.99 20.03
C MET A 325 -8.14 7.15 20.24
N GLY A 326 -8.09 7.76 21.44
CA GLY A 326 -8.92 8.93 21.75
C GLY A 326 -8.57 10.15 20.92
N PHE A 327 -7.26 10.34 20.66
CA PHE A 327 -6.78 11.42 19.79
C PHE A 327 -7.25 11.23 18.34
N ILE A 328 -7.21 9.98 17.83
CA ILE A 328 -7.65 9.68 16.46
C ILE A 328 -9.17 9.88 16.30
N ILE A 329 -9.96 9.51 17.34
CA ILE A 329 -11.42 9.69 17.34
C ILE A 329 -11.78 11.19 17.41
N GLU A 330 -11.07 11.96 18.26
CA GLU A 330 -11.40 13.36 18.45
C GLU A 330 -10.95 14.24 17.29
N GLN A 331 -9.77 13.97 16.73
CA GLN A 331 -9.17 14.86 15.74
C GLN A 331 -9.60 14.52 14.31
N TYR A 332 -9.89 13.26 14.01
CA TYR A 332 -10.09 12.84 12.62
C TYR A 332 -11.46 12.25 12.29
N ILE A 333 -12.13 11.59 13.23
CA ILE A 333 -13.42 10.95 12.95
C ILE A 333 -14.55 11.97 13.08
N ASN A 334 -14.44 12.79 14.14
CA ASN A 334 -15.40 13.85 14.49
C ASN A 334 -15.61 14.89 13.36
N PRO A 335 -14.60 15.46 12.66
CA PRO A 335 -14.87 16.37 11.56
C PRO A 335 -15.62 15.71 10.40
N ILE A 336 -15.26 14.47 10.05
CA ILE A 336 -15.87 13.77 8.92
C ILE A 336 -17.34 13.49 9.22
N VAL A 337 -17.65 13.08 10.47
CA VAL A 337 -19.05 12.73 10.77
C VAL A 337 -19.93 14.00 10.95
N ARG A 338 -19.38 15.13 11.47
CA ARG A 338 -20.17 16.38 11.57
C ARG A 338 -20.48 16.99 10.19
N ASN A 339 -19.61 16.77 9.20
CA ASN A 339 -19.72 17.42 7.90
C ASN A 339 -20.37 16.52 6.86
N SER A 340 -21.32 15.68 7.25
CA SER A 340 -21.96 14.76 6.33
C SER A 340 -23.47 14.89 6.42
N LYS A 341 -24.14 14.15 5.56
CA LYS A 341 -25.59 14.00 5.51
C LYS A 341 -25.91 12.51 5.65
N HIS A 342 -27.21 12.19 5.63
CA HIS A 342 -27.66 10.80 5.72
C HIS A 342 -27.31 10.06 4.44
N PRO A 343 -26.72 8.84 4.53
CA PRO A 343 -26.33 8.10 3.31
C PRO A 343 -27.50 7.61 2.46
N LEU A 344 -28.66 7.38 3.04
CA LEU A 344 -29.81 6.86 2.31
C LEU A 344 -30.71 7.97 1.79
N LYS A 345 -30.42 9.24 2.11
CA LYS A 345 -31.21 10.40 1.70
C LYS A 345 -30.23 11.42 1.14
N GLY A 346 -30.03 11.39 -0.17
CA GLY A 346 -29.16 12.35 -0.82
C GLY A 346 -28.50 11.73 -2.04
N ASP A 347 -27.43 12.40 -2.49
CA ASP A 347 -26.67 11.94 -3.64
C ASP A 347 -25.89 10.67 -3.32
N LEU A 348 -25.77 9.79 -4.31
CA LEU A 348 -25.08 8.52 -4.10
C LEU A 348 -23.56 8.69 -4.04
N LEU A 349 -23.01 9.56 -4.91
CA LEU A 349 -21.56 9.79 -5.03
C LEU A 349 -20.98 10.47 -3.80
N TYR A 350 -21.75 11.41 -3.22
CA TYR A 350 -21.39 12.11 -1.99
C TYR A 350 -21.33 11.15 -0.80
N ALA A 351 -22.30 10.21 -0.73
CA ALA A 351 -22.35 9.18 0.31
C ALA A 351 -21.19 8.19 0.21
N ILE A 352 -20.84 7.78 -1.04
CA ILE A 352 -19.70 6.89 -1.30
C ILE A 352 -18.37 7.54 -0.92
N GLU A 353 -18.23 8.86 -1.23
CA GLU A 353 -17.05 9.65 -0.87
C GLU A 353 -16.89 9.81 0.65
N ARG A 354 -18.02 10.04 1.37
CA ARG A 354 -17.97 10.15 2.84
C ARG A 354 -17.61 8.83 3.52
N VAL A 355 -18.13 7.70 2.99
CA VAL A 355 -17.81 6.36 3.52
C VAL A 355 -16.34 6.02 3.29
N LEU A 356 -15.81 6.32 2.08
CA LEU A 356 -14.41 6.09 1.74
C LEU A 356 -13.46 7.01 2.52
N LYS A 357 -13.91 8.22 2.86
CA LYS A 357 -13.10 9.08 3.72
C LYS A 357 -13.08 8.60 5.16
N LEU A 358 -14.22 8.07 5.65
CA LEU A 358 -14.28 7.59 7.02
C LEU A 358 -13.60 6.21 7.21
N SER A 359 -13.31 5.49 6.11
CA SER A 359 -12.81 4.09 6.13
C SER A 359 -11.44 3.92 6.80
N VAL A 360 -10.51 4.84 6.58
CA VAL A 360 -9.12 4.72 7.03
C VAL A 360 -8.99 4.92 8.57
N PRO A 361 -9.43 6.05 9.22
CA PRO A 361 -9.29 6.13 10.70
C PRO A 361 -10.15 5.14 11.50
N ASN A 362 -11.30 4.72 10.94
CA ASN A 362 -12.14 3.66 11.51
C ASN A 362 -11.40 2.33 11.57
N LEU A 363 -10.64 2.02 10.50
CA LEU A 363 -9.80 0.83 10.44
C LEU A 363 -8.69 0.88 11.49
N TYR A 364 -8.08 2.08 11.66
CA TYR A 364 -7.02 2.29 12.66
C TYR A 364 -7.56 2.14 14.10
N VAL A 365 -8.77 2.66 14.35
CA VAL A 365 -9.45 2.54 15.65
C VAL A 365 -9.84 1.09 15.93
N TRP A 366 -10.24 0.33 14.87
CA TRP A 366 -10.61 -1.10 14.98
C TRP A 366 -9.42 -1.98 15.38
N LEU A 367 -8.26 -1.76 14.73
CA LEU A 367 -7.02 -2.49 15.04
C LEU A 367 -6.52 -2.15 16.45
N CYS A 368 -6.61 -0.86 16.82
CA CYS A 368 -6.24 -0.40 18.16
C CYS A 368 -7.18 -0.95 19.24
N MET A 369 -8.48 -1.12 18.92
CA MET A 369 -9.47 -1.67 19.86
C MET A 369 -9.23 -3.15 20.11
N PHE A 370 -8.87 -3.89 19.03
CA PHE A 370 -8.50 -5.31 19.15
C PHE A 370 -7.24 -5.50 19.99
N TYR A 371 -6.20 -4.67 19.73
CA TYR A 371 -4.95 -4.76 20.47
C TYR A 371 -5.11 -4.36 21.94
N CYS A 372 -5.95 -3.34 22.23
CA CYS A 372 -6.19 -2.91 23.61
C CYS A 372 -7.00 -3.92 24.41
N PHE A 373 -8.07 -4.47 23.81
CA PHE A 373 -8.91 -5.37 24.60
C PHE A 373 -8.37 -6.80 24.59
N PHE A 374 -8.23 -7.39 23.40
CA PHE A 374 -7.99 -8.82 23.30
C PHE A 374 -6.56 -9.24 23.58
N HIS A 375 -5.62 -8.31 23.62
CA HIS A 375 -4.24 -8.62 23.89
C HIS A 375 -3.75 -8.09 25.22
N LEU A 376 -3.93 -6.79 25.48
CA LEU A 376 -3.33 -6.17 26.66
C LEU A 376 -4.10 -6.45 27.94
N TRP A 377 -5.42 -6.16 27.93
CA TRP A 377 -6.29 -6.23 29.11
C TRP A 377 -6.52 -7.66 29.61
N LEU A 378 -6.75 -8.59 28.68
CA LEU A 378 -6.99 -9.99 29.02
C LEU A 378 -5.73 -10.65 29.60
N ASN A 379 -4.54 -10.29 29.08
CA ASN A 379 -3.28 -10.79 29.63
C ASN A 379 -3.00 -10.22 31.02
N ILE A 380 -3.36 -8.93 31.26
CA ILE A 380 -3.22 -8.31 32.59
C ILE A 380 -4.15 -8.98 33.60
N LEU A 381 -5.40 -9.27 33.17
CA LEU A 381 -6.40 -9.98 33.97
C LEU A 381 -5.99 -11.42 34.27
N ALA A 382 -5.43 -12.11 33.27
CA ALA A 382 -4.93 -13.47 33.44
C ALA A 382 -3.70 -13.52 34.35
N GLU A 383 -2.82 -12.51 34.26
CA GLU A 383 -1.64 -12.43 35.12
C GLU A 383 -1.98 -12.14 36.58
N LEU A 384 -2.99 -11.29 36.82
CA LEU A 384 -3.45 -11.03 38.20
C LEU A 384 -4.12 -12.25 38.84
N LEU A 385 -4.90 -13.00 38.07
CA LEU A 385 -5.67 -14.13 38.59
C LEU A 385 -4.94 -15.47 38.49
N CYS A 386 -3.73 -15.49 37.90
CA CYS A 386 -2.87 -16.66 37.62
C CYS A 386 -3.58 -17.67 36.71
N PHE A 387 -4.29 -17.15 35.70
CA PHE A 387 -4.97 -17.97 34.71
C PHE A 387 -3.96 -18.50 33.70
N GLY A 388 -3.85 -19.82 33.62
CA GLY A 388 -2.85 -20.48 32.78
C GLY A 388 -3.04 -20.32 31.29
N ASP A 389 -4.27 -20.49 30.81
CA ASP A 389 -4.55 -20.46 29.39
C ASP A 389 -4.68 -19.02 28.90
N ARG A 390 -4.04 -18.73 27.76
CA ARG A 390 -4.03 -17.37 27.22
C ARG A 390 -4.21 -17.36 25.71
N GLU A 391 -4.96 -18.31 25.17
CA GLU A 391 -5.27 -18.32 23.74
C GLU A 391 -6.60 -17.56 23.61
N PHE A 392 -6.50 -16.24 23.55
CA PHE A 392 -7.68 -15.39 23.49
C PHE A 392 -8.12 -15.07 22.07
N TYR A 393 -7.31 -15.42 21.08
CA TYR A 393 -7.54 -15.13 19.66
C TYR A 393 -6.56 -15.96 18.84
N LYS A 394 -6.75 -15.93 17.54
CA LYS A 394 -5.83 -16.54 16.58
C LYS A 394 -5.47 -15.48 15.55
N ASP A 395 -4.77 -15.87 14.48
CA ASP A 395 -4.36 -14.95 13.42
C ASP A 395 -5.52 -14.74 12.43
N TRP A 396 -6.49 -13.89 12.85
CA TRP A 396 -7.68 -13.61 12.04
C TRP A 396 -7.41 -12.76 10.81
N TRP A 397 -6.28 -12.05 10.75
CA TRP A 397 -5.95 -11.21 9.60
C TRP A 397 -5.61 -12.00 8.34
N ASN A 398 -5.26 -13.29 8.46
CA ASN A 398 -5.04 -14.19 7.34
C ASN A 398 -6.29 -15.00 6.97
N ALA A 399 -7.50 -14.47 7.25
CA ALA A 399 -8.75 -15.18 6.98
C ALA A 399 -9.01 -15.28 5.49
N LYS A 400 -9.40 -16.47 5.04
CA LYS A 400 -9.70 -16.69 3.64
C LYS A 400 -11.17 -16.50 3.28
N SER A 401 -12.02 -16.19 4.25
CA SER A 401 -13.46 -15.96 4.06
C SER A 401 -14.02 -15.31 5.32
N VAL A 402 -15.32 -15.04 5.28
CA VAL A 402 -16.05 -14.44 6.39
C VAL A 402 -16.18 -15.42 7.56
N GLY A 403 -16.46 -16.70 7.22
CA GLY A 403 -16.59 -17.78 8.21
C GLY A 403 -15.28 -18.10 8.90
N ASP A 404 -14.17 -17.93 8.19
CA ASP A 404 -12.82 -18.06 8.75
C ASP A 404 -12.56 -16.99 9.80
N TYR A 405 -13.00 -15.73 9.53
CA TYR A 405 -12.91 -14.63 10.48
C TYR A 405 -13.75 -14.88 11.72
N TRP A 406 -14.99 -15.37 11.53
CA TRP A 406 -15.88 -15.67 12.67
C TRP A 406 -15.41 -16.88 13.48
N ARG A 407 -14.62 -17.77 12.86
CA ARG A 407 -14.04 -18.89 13.59
C ARG A 407 -12.83 -18.45 14.42
N MET A 408 -12.02 -17.47 13.96
CA MET A 408 -10.81 -17.11 14.73
C MET A 408 -10.73 -15.72 15.37
N TRP A 409 -11.81 -14.90 15.40
CA TRP A 409 -11.66 -13.54 15.94
C TRP A 409 -11.74 -13.49 17.47
N ASN A 410 -12.40 -14.45 18.09
CA ASN A 410 -12.72 -14.38 19.52
C ASN A 410 -12.87 -15.81 20.02
N MET A 411 -11.83 -16.31 20.68
CA MET A 411 -11.82 -17.68 21.21
C MET A 411 -12.87 -17.98 22.32
N PRO A 412 -13.11 -17.13 23.40
CA PRO A 412 -14.17 -17.45 24.39
C PRO A 412 -15.60 -17.52 23.85
N VAL A 413 -15.97 -16.59 22.96
CA VAL A 413 -17.30 -16.55 22.36
C VAL A 413 -17.50 -17.74 21.42
N HIS A 414 -16.46 -18.13 20.65
CA HIS A 414 -16.51 -19.30 19.75
C HIS A 414 -16.64 -20.62 20.51
N LYS A 415 -15.89 -20.77 21.63
CA LYS A 415 -16.00 -21.97 22.47
C LYS A 415 -17.36 -22.04 23.18
N TRP A 416 -17.91 -20.88 23.59
CA TRP A 416 -19.23 -20.80 24.20
C TRP A 416 -20.33 -21.22 23.22
N MET A 417 -20.27 -20.73 21.96
CA MET A 417 -21.27 -21.09 20.95
C MET A 417 -21.16 -22.56 20.52
N VAL A 418 -19.94 -23.11 20.48
CA VAL A 418 -19.75 -24.53 20.15
C VAL A 418 -20.29 -25.42 21.29
N ARG A 419 -20.00 -25.06 22.55
CA ARG A 419 -20.38 -25.89 23.69
C ARG A 419 -21.86 -25.76 24.03
N HIS A 420 -22.42 -24.57 23.92
CA HIS A 420 -23.71 -24.28 24.52
C HIS A 420 -24.84 -24.05 23.53
N ILE A 421 -24.57 -23.87 22.23
CA ILE A 421 -25.61 -23.66 21.24
C ILE A 421 -25.54 -24.69 20.10
N TYR A 422 -24.33 -24.93 19.57
CA TYR A 422 -24.15 -25.75 18.37
C TYR A 422 -24.35 -27.24 18.65
N PHE A 423 -23.61 -27.78 19.62
CA PHE A 423 -23.66 -29.18 20.01
C PHE A 423 -25.01 -29.62 20.65
N PRO A 424 -25.69 -28.87 21.58
CA PRO A 424 -27.07 -29.28 21.96
C PRO A 424 -28.09 -29.27 20.83
N CYS A 425 -27.95 -28.36 19.86
CA CYS A 425 -28.79 -28.37 18.68
C CYS A 425 -28.50 -29.59 17.81
N LEU A 426 -27.22 -29.98 17.69
CA LEU A 426 -26.84 -31.15 16.92
C LEU A 426 -27.30 -32.45 17.57
N ARG A 427 -27.32 -32.49 18.92
CA ARG A 427 -27.76 -33.70 19.62
C ARG A 427 -29.27 -33.92 19.49
N SER A 428 -30.05 -32.85 19.30
CA SER A 428 -31.50 -32.92 19.17
C SER A 428 -32.00 -33.09 17.74
N LYS A 429 -31.11 -33.51 16.80
CA LYS A 429 -31.39 -33.81 15.38
C LYS A 429 -31.90 -32.59 14.59
N ILE A 430 -31.33 -31.43 14.85
CA ILE A 430 -31.64 -30.21 14.12
C ILE A 430 -30.55 -30.06 13.06
N PRO A 431 -30.85 -29.61 11.84
CA PRO A 431 -29.80 -29.37 10.82
C PRO A 431 -28.85 -28.24 11.17
N LYS A 432 -27.72 -28.22 10.43
CA LYS A 432 -26.58 -27.34 10.69
C LYS A 432 -26.88 -25.87 10.46
N THR A 433 -27.63 -25.56 9.37
CA THR A 433 -27.92 -24.19 8.94
C THR A 433 -28.82 -23.46 9.93
N LEU A 434 -29.73 -24.20 10.57
CA LEU A 434 -30.57 -23.71 11.65
C LEU A 434 -29.75 -23.34 12.89
N ALA A 435 -28.69 -24.12 13.19
CA ALA A 435 -27.79 -23.84 14.31
C ALA A 435 -26.99 -22.56 14.07
N ILE A 436 -26.57 -22.31 12.80
CA ILE A 436 -25.84 -21.09 12.46
C ILE A 436 -26.78 -19.87 12.52
N ILE A 437 -28.09 -20.07 12.20
CA ILE A 437 -29.10 -19.01 12.31
C ILE A 437 -29.41 -18.67 13.78
N ILE A 438 -29.48 -19.69 14.66
CA ILE A 438 -29.74 -19.49 16.09
C ILE A 438 -28.56 -18.80 16.79
N ALA A 439 -27.31 -19.21 16.46
CA ALA A 439 -26.09 -18.60 17.01
C ALA A 439 -25.90 -17.14 16.58
N PHE A 440 -26.12 -16.85 15.28
CA PHE A 440 -26.05 -15.47 14.78
C PHE A 440 -27.23 -14.63 15.26
N LEU A 441 -28.38 -15.27 15.56
CA LEU A 441 -29.54 -14.59 16.12
C LEU A 441 -29.27 -14.12 17.55
N VAL A 442 -28.60 -14.96 18.37
CA VAL A 442 -28.19 -14.61 19.74
C VAL A 442 -27.19 -13.45 19.71
N SER A 443 -26.22 -13.54 18.78
CA SER A 443 -25.20 -12.51 18.56
C SER A 443 -25.81 -11.17 18.09
N ALA A 444 -26.80 -11.24 17.18
CA ALA A 444 -27.48 -10.07 16.64
C ALA A 444 -28.34 -9.36 17.69
N VAL A 445 -29.03 -10.14 18.54
CA VAL A 445 -29.86 -9.60 19.63
C VAL A 445 -29.00 -8.87 20.67
N PHE A 446 -27.86 -9.48 21.06
CA PHE A 446 -27.02 -8.86 22.09
C PHE A 446 -26.22 -7.67 21.56
N ALA A 447 -25.81 -7.71 20.27
CA ALA A 447 -25.16 -6.57 19.60
C ALA A 447 -26.13 -5.40 19.44
N GLU A 448 -27.39 -5.71 19.07
CA GLU A 448 -28.46 -4.72 18.96
C GLU A 448 -28.80 -4.09 20.30
N LEU A 449 -28.73 -4.89 21.39
CA LEU A 449 -28.90 -4.40 22.76
C LEU A 449 -27.82 -3.38 23.13
N CYS A 450 -26.53 -3.77 22.94
CA CYS A 450 -25.37 -2.94 23.29
C CYS A 450 -25.25 -1.66 22.48
N ILE A 451 -25.76 -1.67 21.25
CA ILE A 451 -25.69 -0.47 20.43
C ILE A 451 -26.95 0.39 20.60
N ALA A 452 -28.15 -0.21 20.66
CA ALA A 452 -29.38 0.55 20.57
C ALA A 452 -29.88 1.08 21.90
N VAL A 453 -29.62 0.40 23.02
CA VAL A 453 -30.07 0.83 24.35
C VAL A 453 -29.39 2.15 24.79
N PRO A 454 -28.04 2.39 24.70
CA PRO A 454 -27.52 3.77 24.93
C PRO A 454 -27.99 4.83 23.93
N CYS A 455 -28.23 4.45 22.67
CA CYS A 455 -28.64 5.39 21.64
C CYS A 455 -30.13 5.73 21.68
N ARG A 456 -30.97 4.86 22.29
CA ARG A 456 -32.44 4.98 22.44
C ARG A 456 -33.15 5.03 21.08
N LEU A 457 -32.68 4.22 20.14
CA LEU A 457 -33.25 4.16 18.80
C LEU A 457 -33.62 2.73 18.46
N PHE A 458 -34.82 2.53 17.92
CA PHE A 458 -35.25 1.23 17.42
C PHE A 458 -35.02 1.16 15.89
N LYS A 459 -33.75 1.35 15.51
CA LYS A 459 -33.31 1.10 14.15
C LYS A 459 -32.45 -0.14 14.19
N LEU A 460 -32.77 -1.11 13.33
CA LEU A 460 -32.19 -2.45 13.40
C LEU A 460 -31.05 -2.65 12.41
N TRP A 461 -30.17 -1.64 12.27
CA TRP A 461 -29.01 -1.70 11.36
C TRP A 461 -28.02 -2.78 11.78
N ALA A 462 -27.66 -2.80 13.07
CA ALA A 462 -26.69 -3.76 13.61
C ALA A 462 -27.25 -5.18 13.61
N PHE A 463 -28.56 -5.34 13.88
CA PHE A 463 -29.26 -6.63 13.85
C PHE A 463 -29.25 -7.24 12.45
N LEU A 464 -29.55 -6.42 11.42
CA LEU A 464 -29.52 -6.87 10.03
C LEU A 464 -28.10 -7.16 9.57
N GLY A 465 -27.13 -6.36 10.04
CA GLY A 465 -25.73 -6.60 9.70
C GLY A 465 -25.14 -7.89 10.25
N ILE A 466 -25.49 -8.24 11.50
CA ILE A 466 -25.06 -9.53 12.04
C ILE A 466 -25.85 -10.67 11.38
N MET A 467 -27.15 -10.46 11.13
CA MET A 467 -27.98 -11.50 10.51
C MET A 467 -27.69 -11.70 9.01
N PHE A 468 -27.06 -10.73 8.34
CA PHE A 468 -26.68 -10.89 6.94
C PHE A 468 -25.41 -11.74 6.76
N GLN A 469 -24.70 -12.07 7.84
CA GLN A 469 -23.48 -12.89 7.79
C GLN A 469 -23.75 -14.34 7.39
N VAL A 470 -24.98 -14.85 7.60
CA VAL A 470 -25.33 -16.24 7.23
C VAL A 470 -25.26 -16.51 5.73
N PRO A 471 -25.89 -15.71 4.80
CA PRO A 471 -25.64 -15.98 3.36
C PRO A 471 -24.21 -15.63 2.90
N LEU A 472 -23.57 -14.66 3.58
CA LEU A 472 -22.22 -14.17 3.25
C LEU A 472 -21.15 -15.24 3.45
N VAL A 473 -21.34 -16.14 4.42
CA VAL A 473 -20.42 -17.24 4.72
C VAL A 473 -20.38 -18.21 3.53
N PHE A 474 -21.58 -18.57 3.02
CA PHE A 474 -21.72 -19.48 1.88
C PHE A 474 -21.22 -18.83 0.58
N ILE A 475 -21.52 -17.53 0.38
CA ILE A 475 -21.09 -16.79 -0.82
C ILE A 475 -19.56 -16.64 -0.86
N THR A 476 -18.93 -16.29 0.28
CA THR A 476 -17.48 -16.13 0.33
C THR A 476 -16.75 -17.46 0.34
N ASN A 477 -17.42 -18.54 0.79
CA ASN A 477 -16.87 -19.88 0.69
C ASN A 477 -16.82 -20.36 -0.77
N TYR A 478 -17.92 -20.11 -1.52
CA TYR A 478 -17.98 -20.45 -2.96
C TYR A 478 -16.98 -19.62 -3.77
N LEU A 479 -16.87 -18.32 -3.46
CA LEU A 479 -15.93 -17.41 -4.13
C LEU A 479 -14.48 -17.77 -3.83
N GLN A 480 -14.19 -18.16 -2.57
CA GLN A 480 -12.85 -18.56 -2.18
C GLN A 480 -12.43 -19.88 -2.82
N GLU A 481 -13.38 -20.82 -2.92
CA GLU A 481 -13.10 -22.11 -3.60
C GLU A 481 -12.87 -21.86 -5.10
N ARG A 482 -13.69 -21.02 -5.72
CA ARG A 482 -13.56 -20.79 -7.16
C ARG A 482 -12.28 -20.03 -7.50
N PHE A 483 -11.94 -18.98 -6.72
CA PHE A 483 -10.91 -18.03 -7.12
C PHE A 483 -9.58 -18.10 -6.34
N GLY A 484 -9.51 -18.71 -5.17
CA GLY A 484 -8.28 -18.79 -4.42
C GLY A 484 -8.40 -18.08 -3.09
N SER A 485 -7.28 -17.96 -2.39
CA SER A 485 -7.27 -17.45 -1.03
C SER A 485 -6.97 -15.96 -0.93
N THR A 486 -6.16 -15.44 -1.88
CA THR A 486 -5.78 -14.03 -1.93
C THR A 486 -6.99 -13.14 -2.24
N VAL A 487 -7.80 -13.56 -3.22
CA VAL A 487 -9.02 -12.85 -3.62
C VAL A 487 -10.10 -12.95 -2.53
N GLY A 488 -10.11 -14.06 -1.77
CA GLY A 488 -11.01 -14.22 -0.63
C GLY A 488 -10.70 -13.29 0.53
N ASN A 489 -9.39 -13.14 0.83
CA ASN A 489 -8.91 -12.23 1.87
C ASN A 489 -9.15 -10.76 1.49
N MET A 490 -9.03 -10.43 0.19
CA MET A 490 -9.33 -9.07 -0.29
C MET A 490 -10.83 -8.75 -0.24
N ILE A 491 -11.69 -9.74 -0.56
CA ILE A 491 -13.15 -9.59 -0.46
C ILE A 491 -13.59 -9.40 1.00
N PHE A 492 -12.92 -10.12 1.94
CA PHE A 492 -13.15 -9.96 3.39
C PHE A 492 -12.78 -8.55 3.89
N TRP A 493 -11.62 -8.03 3.44
CA TRP A 493 -11.20 -6.67 3.80
C TRP A 493 -12.12 -5.59 3.23
N PHE A 494 -12.56 -5.76 1.97
CA PHE A 494 -13.50 -4.81 1.33
C PHE A 494 -14.87 -4.80 2.01
N ILE A 495 -15.40 -5.98 2.36
CA ILE A 495 -16.71 -6.06 3.00
C ILE A 495 -16.65 -5.53 4.44
N PHE A 496 -15.57 -5.85 5.17
CA PHE A 496 -15.54 -5.51 6.58
C PHE A 496 -15.02 -4.10 6.83
N CYS A 497 -13.79 -3.80 6.40
CA CYS A 497 -13.12 -2.59 6.88
C CYS A 497 -13.38 -1.36 6.01
N ILE A 498 -14.00 -1.53 4.84
CA ILE A 498 -14.17 -0.45 3.88
C ILE A 498 -15.63 0.00 3.79
N PHE A 499 -16.56 -0.95 3.78
CA PHE A 499 -17.96 -0.61 3.54
C PHE A 499 -18.83 -0.63 4.80
N GLY A 500 -18.75 -1.67 5.63
CA GLY A 500 -19.73 -1.90 6.67
C GLY A 500 -19.71 -1.01 7.90
N GLN A 501 -18.57 -0.98 8.60
CA GLN A 501 -18.38 -0.18 9.82
C GLN A 501 -18.54 1.35 9.64
N PRO A 502 -17.96 2.06 8.59
CA PRO A 502 -18.31 3.50 8.40
C PRO A 502 -19.77 3.79 8.10
N MET A 503 -20.44 2.88 7.37
CA MET A 503 -21.86 3.01 7.05
C MET A 503 -22.71 2.88 8.31
N CYS A 504 -22.35 1.93 9.21
CA CYS A 504 -23.01 1.78 10.51
C CYS A 504 -22.84 3.01 11.40
N VAL A 505 -21.61 3.60 11.40
CA VAL A 505 -21.29 4.80 12.18
C VAL A 505 -22.11 6.00 11.69
N LEU A 506 -22.18 6.17 10.35
CA LEU A 506 -22.94 7.26 9.73
C LEU A 506 -24.45 7.15 9.93
N LEU A 507 -25.00 5.92 9.77
CA LEU A 507 -26.45 5.66 9.97
C LEU A 507 -26.88 5.88 11.42
N TYR A 508 -26.11 5.36 12.38
CA TYR A 508 -26.46 5.48 13.79
C TYR A 508 -26.28 6.91 14.32
N TYR A 509 -25.22 7.62 13.85
CA TYR A 509 -24.99 9.02 14.22
C TYR A 509 -26.09 9.94 13.67
N HIS A 510 -26.45 9.76 12.38
CA HIS A 510 -27.44 10.64 11.75
C HIS A 510 -28.84 10.33 12.24
N ASP A 511 -29.13 9.07 12.59
CA ASP A 511 -30.42 8.70 13.20
C ASP A 511 -30.53 9.28 14.61
N LEU A 512 -29.41 9.31 15.36
CA LEU A 512 -29.38 9.92 16.69
C LEU A 512 -29.56 11.43 16.64
N MET A 513 -28.95 12.09 15.64
CA MET A 513 -29.11 13.55 15.45
C MET A 513 -30.52 13.90 15.00
N ASN A 514 -31.12 13.05 14.14
CA ASN A 514 -32.51 13.27 13.74
C ASN A 514 -33.47 12.98 14.88
N ARG A 515 -33.11 12.08 15.82
CA ARG A 515 -33.92 11.84 17.01
C ARG A 515 -33.93 13.05 17.92
N LYS A 516 -32.76 13.71 18.08
CA LYS A 516 -32.64 14.85 18.99
C LYS A 516 -33.27 16.14 18.47
N GLY A 517 -33.63 16.21 17.19
CA GLY A 517 -34.22 17.42 16.63
C GLY A 517 -34.77 17.22 15.23
N ARG B 98 -15.61 -25.47 9.61
CA ARG B 98 -14.17 -25.63 9.67
C ARG B 98 -13.73 -25.79 8.23
N GLY B 99 -12.89 -24.87 7.72
CA GLY B 99 -12.52 -24.80 6.30
C GLY B 99 -13.62 -24.37 5.33
N ASN B 100 -14.70 -25.14 5.22
CA ASN B 100 -15.90 -24.82 4.47
C ASN B 100 -17.04 -25.07 5.46
N ALA B 101 -18.10 -25.81 5.14
CA ALA B 101 -19.11 -26.11 6.14
C ALA B 101 -19.25 -27.62 6.23
N ASP B 102 -18.96 -28.15 7.42
CA ASP B 102 -19.13 -29.55 7.81
C ASP B 102 -19.07 -29.59 9.33
N ALA B 103 -19.91 -30.43 9.96
CA ALA B 103 -19.98 -30.45 11.42
C ALA B 103 -18.82 -31.20 12.11
N THR B 104 -19.06 -31.66 13.35
CA THR B 104 -18.15 -32.48 14.14
C THR B 104 -19.11 -33.22 15.07
N PHE B 105 -18.70 -34.40 15.54
CA PHE B 105 -19.56 -35.09 16.53
C PHE B 105 -19.65 -34.15 17.74
N THR B 106 -20.61 -34.39 18.61
CA THR B 106 -20.81 -33.54 19.78
C THR B 106 -20.15 -34.09 21.04
N TYR B 107 -19.45 -33.22 21.76
CA TYR B 107 -18.89 -33.64 23.06
C TYR B 107 -19.88 -33.16 24.12
N ARG B 108 -19.45 -33.10 25.36
CA ARG B 108 -20.32 -32.62 26.43
C ARG B 108 -19.64 -31.49 27.22
N PRO B 109 -20.40 -30.61 27.92
CA PRO B 109 -19.77 -29.52 28.71
C PRO B 109 -18.98 -29.96 29.95
N SER B 110 -19.12 -31.21 30.43
CA SER B 110 -18.26 -31.74 31.51
C SER B 110 -16.79 -31.83 31.10
N VAL B 111 -16.50 -32.05 29.82
CA VAL B 111 -15.16 -32.10 29.25
C VAL B 111 -14.58 -30.69 29.34
N PRO B 112 -13.41 -30.49 29.97
CA PRO B 112 -12.85 -29.13 30.10
C PRO B 112 -12.31 -28.57 28.78
N ALA B 113 -12.56 -27.29 28.58
CA ALA B 113 -12.08 -26.59 27.39
C ALA B 113 -10.69 -26.00 27.60
N HIS B 114 -10.15 -26.08 28.81
CA HIS B 114 -8.83 -25.56 29.11
C HIS B 114 -8.05 -26.70 29.77
N ARG B 115 -7.05 -27.24 29.06
CA ARG B 115 -6.22 -28.31 29.60
C ARG B 115 -4.73 -28.03 29.55
N ARG B 116 -4.29 -27.01 28.79
CA ARG B 116 -2.88 -26.65 28.68
C ARG B 116 -2.74 -25.16 28.97
N ALA B 117 -1.56 -24.77 29.43
CA ALA B 117 -1.23 -23.37 29.70
C ALA B 117 -0.47 -22.82 28.50
N ARG B 118 -1.15 -22.08 27.65
CA ARG B 118 -0.58 -21.54 26.43
C ARG B 118 -0.37 -20.03 26.57
N GLU B 119 0.25 -19.46 25.55
CA GLU B 119 0.52 -18.04 25.46
C GLU B 119 -0.12 -17.47 24.21
N SER B 120 -0.29 -16.16 24.19
CA SER B 120 -0.92 -15.44 23.09
C SER B 120 -0.03 -15.44 21.84
N PRO B 121 -0.63 -15.27 20.62
CA PRO B 121 0.19 -15.20 19.39
C PRO B 121 1.15 -14.02 19.29
N LEU B 122 0.79 -12.87 19.85
CA LEU B 122 1.68 -11.71 19.80
C LEU B 122 2.54 -11.58 21.05
N SER B 123 2.52 -12.58 21.93
CA SER B 123 3.34 -12.59 23.14
C SER B 123 4.66 -13.31 22.96
N SER B 124 4.96 -13.81 21.77
CA SER B 124 6.17 -14.57 21.50
C SER B 124 6.81 -14.09 20.21
N ASP B 125 8.11 -14.33 20.09
CA ASP B 125 8.84 -14.01 18.87
C ASP B 125 8.67 -15.05 17.77
N ALA B 126 8.03 -16.19 18.05
CA ALA B 126 7.74 -17.23 17.04
C ALA B 126 6.39 -16.98 16.34
N ILE B 127 6.24 -15.81 15.75
CA ILE B 127 5.01 -15.43 15.06
C ILE B 127 5.32 -15.20 13.59
N PHE B 128 6.57 -14.81 13.28
CA PHE B 128 6.97 -14.53 11.91
C PHE B 128 7.39 -15.77 11.12
N LYS B 129 7.26 -16.98 11.68
CA LYS B 129 7.62 -18.22 10.98
C LYS B 129 6.65 -18.50 9.83
N GLN B 130 5.36 -18.22 10.03
CA GLN B 130 4.33 -18.43 9.03
C GLN B 130 4.14 -17.16 8.20
N SER B 131 3.31 -17.26 7.17
CA SER B 131 3.12 -16.16 6.23
C SER B 131 1.93 -15.30 6.64
N HIS B 132 2.18 -14.01 6.84
CA HIS B 132 1.16 -13.03 7.18
C HIS B 132 0.75 -12.26 5.92
N ALA B 133 0.10 -13.00 5.01
CA ALA B 133 -0.30 -12.46 3.71
C ALA B 133 -1.43 -11.44 3.77
N GLY B 134 -2.21 -11.41 4.86
CA GLY B 134 -3.33 -10.48 5.01
C GLY B 134 -2.96 -9.02 5.11
N LEU B 135 -1.77 -8.71 5.66
CA LEU B 135 -1.25 -7.34 5.76
C LEU B 135 -0.96 -6.70 4.38
N PHE B 136 -0.35 -7.47 3.46
CA PHE B 136 -0.07 -7.02 2.09
C PHE B 136 -1.36 -6.74 1.32
N ASN B 137 -2.36 -7.63 1.49
CA ASN B 137 -3.68 -7.49 0.89
C ASN B 137 -4.43 -6.28 1.47
N LEU B 138 -4.22 -6.01 2.77
CA LEU B 138 -4.80 -4.85 3.44
C LEU B 138 -4.24 -3.53 2.90
N CYS B 139 -2.92 -3.51 2.62
CA CYS B 139 -2.26 -2.34 2.00
C CYS B 139 -2.78 -2.07 0.59
N VAL B 140 -2.98 -3.16 -0.20
CA VAL B 140 -3.54 -3.07 -1.56
C VAL B 140 -4.99 -2.55 -1.55
N VAL B 141 -5.82 -3.04 -0.59
CA VAL B 141 -7.23 -2.66 -0.45
C VAL B 141 -7.39 -1.18 -0.02
N VAL B 142 -6.53 -0.71 0.89
CA VAL B 142 -6.51 0.69 1.36
C VAL B 142 -6.07 1.63 0.24
N LEU B 143 -5.08 1.20 -0.59
CA LEU B 143 -4.63 1.97 -1.77
C LEU B 143 -5.70 2.12 -2.84
N ILE B 144 -6.47 1.04 -3.12
CA ILE B 144 -7.57 1.04 -4.10
C ILE B 144 -8.71 1.96 -3.63
N ALA B 145 -9.02 1.92 -2.31
CA ALA B 145 -10.06 2.78 -1.70
C ALA B 145 -9.69 4.26 -1.73
N VAL B 146 -8.40 4.57 -1.47
CA VAL B 146 -7.86 5.94 -1.48
C VAL B 146 -7.88 6.52 -2.90
N ASN B 147 -7.49 5.70 -3.90
CA ASN B 147 -7.48 6.09 -5.31
C ASN B 147 -8.89 6.34 -5.85
N SER B 148 -9.86 5.49 -5.43
CA SER B 148 -11.27 5.64 -5.80
C SER B 148 -11.88 6.90 -5.22
N ARG B 149 -11.52 7.23 -3.96
CA ARG B 149 -11.97 8.47 -3.31
C ARG B 149 -11.40 9.72 -3.99
N LEU B 150 -10.14 9.65 -4.44
CA LEU B 150 -9.49 10.74 -5.19
C LEU B 150 -10.16 10.97 -6.55
N ILE B 151 -10.53 9.88 -7.25
CA ILE B 151 -11.22 9.94 -8.55
C ILE B 151 -12.61 10.57 -8.40
N ILE B 152 -13.35 10.14 -7.37
CA ILE B 152 -14.72 10.61 -7.11
C ILE B 152 -14.72 12.08 -6.65
N GLU B 153 -13.73 12.47 -5.81
CA GLU B 153 -13.57 13.85 -5.33
C GLU B 153 -13.20 14.82 -6.46
N ASN B 154 -12.30 14.40 -7.36
CA ASN B 154 -11.91 15.19 -8.53
C ASN B 154 -13.07 15.34 -9.52
N LEU B 155 -13.85 14.27 -9.72
CA LEU B 155 -15.00 14.28 -10.63
C LEU B 155 -16.13 15.15 -10.09
N MET B 156 -16.34 15.15 -8.77
CA MET B 156 -17.36 16.01 -8.17
C MET B 156 -16.92 17.47 -8.18
N LYS B 157 -15.62 17.73 -7.99
CA LYS B 157 -15.12 19.09 -7.93
C LYS B 157 -15.09 19.76 -9.31
N TYR B 158 -14.60 19.05 -10.32
CA TYR B 158 -14.35 19.64 -11.64
C TYR B 158 -15.30 19.14 -12.72
N GLY B 159 -15.44 17.82 -12.86
CA GLY B 159 -16.25 17.25 -13.91
C GLY B 159 -15.39 16.62 -14.99
N TRP B 160 -15.88 16.62 -16.22
CA TRP B 160 -15.14 16.10 -17.36
C TRP B 160 -14.36 17.24 -17.99
N LEU B 161 -13.04 17.16 -17.92
CA LEU B 161 -12.16 18.22 -18.42
C LEU B 161 -11.49 17.85 -19.73
N ILE B 162 -11.86 16.72 -20.33
CA ILE B 162 -11.20 16.24 -21.53
C ILE B 162 -11.74 17.01 -22.73
N ARG B 163 -10.83 17.55 -23.54
CA ARG B 163 -11.19 18.32 -24.71
C ARG B 163 -10.60 17.69 -25.96
N THR B 164 -11.28 17.90 -27.08
CA THR B 164 -10.89 17.33 -28.36
C THR B 164 -9.78 18.11 -29.06
N ASP B 165 -9.43 19.29 -28.54
CA ASP B 165 -8.42 20.14 -29.15
C ASP B 165 -7.26 20.50 -28.22
N PHE B 166 -7.00 19.67 -27.20
CA PHE B 166 -5.91 19.94 -26.25
C PHE B 166 -4.53 19.71 -26.87
N TRP B 167 -4.38 18.68 -27.71
CA TRP B 167 -3.07 18.34 -28.25
C TRP B 167 -2.91 18.74 -29.72
N PHE B 168 -3.85 18.39 -30.58
CA PHE B 168 -3.73 18.57 -32.03
C PHE B 168 -4.80 19.57 -32.47
N SER B 169 -4.42 20.85 -32.56
CA SER B 169 -5.31 21.92 -32.98
C SER B 169 -4.50 23.09 -33.49
N SER B 170 -4.56 23.34 -34.81
CA SER B 170 -3.86 24.43 -35.55
C SER B 170 -2.35 24.30 -35.39
N ARG B 171 -1.86 23.07 -35.56
CA ARG B 171 -0.46 22.72 -35.37
C ARG B 171 0.44 23.07 -36.54
N SER B 172 -0.09 23.63 -37.64
CA SER B 172 0.72 23.96 -38.83
C SER B 172 1.75 25.07 -38.58
N LEU B 173 1.55 25.95 -37.59
CA LEU B 173 2.57 26.94 -37.22
C LEU B 173 3.78 26.28 -36.55
N ARG B 174 3.61 25.14 -35.88
CA ARG B 174 4.70 24.47 -35.19
C ARG B 174 5.28 23.31 -36.00
N ASP B 175 4.49 22.67 -36.87
CA ASP B 175 4.91 21.44 -37.53
C ASP B 175 5.88 21.70 -38.67
N TRP B 176 5.65 22.77 -39.45
CA TRP B 176 6.43 23.01 -40.68
C TRP B 176 7.92 23.34 -40.44
N PRO B 177 8.35 24.30 -39.56
CA PRO B 177 9.82 24.50 -39.43
C PRO B 177 10.58 23.39 -38.68
N LEU B 178 9.96 22.80 -37.63
CA LEU B 178 10.65 21.84 -36.75
C LEU B 178 10.86 20.48 -37.41
N PHE B 179 9.82 19.90 -38.05
CA PHE B 179 9.91 18.57 -38.67
C PHE B 179 10.87 18.62 -39.87
N MET B 180 10.85 19.75 -40.60
CA MET B 180 11.84 20.02 -41.64
C MET B 180 13.26 20.09 -41.08
N CYS B 181 13.43 20.71 -39.88
CA CYS B 181 14.73 20.68 -39.19
C CYS B 181 15.12 19.27 -38.75
N CYS B 182 14.13 18.43 -38.40
CA CYS B 182 14.35 17.01 -38.09
C CYS B 182 14.78 16.22 -39.32
N ILE B 183 14.35 16.64 -40.51
CA ILE B 183 14.88 16.02 -41.72
C ILE B 183 16.26 16.62 -42.02
N SER B 184 16.48 17.90 -41.67
CA SER B 184 17.71 18.64 -41.95
C SER B 184 18.91 18.15 -41.16
N LEU B 185 18.66 17.49 -40.01
CA LEU B 185 19.70 16.83 -39.21
C LEU B 185 20.48 15.69 -39.92
N SER B 186 19.93 15.10 -40.99
CA SER B 186 20.54 14.03 -41.76
C SER B 186 21.83 14.39 -42.51
N ILE B 187 22.11 15.68 -42.77
CA ILE B 187 23.38 16.01 -43.45
C ILE B 187 24.60 15.94 -42.55
N PHE B 188 24.43 15.86 -41.24
CA PHE B 188 25.49 15.89 -40.24
C PHE B 188 26.21 14.52 -40.17
N PRO B 189 25.57 13.30 -40.23
CA PRO B 189 26.39 12.08 -40.47
C PRO B 189 27.20 12.07 -41.76
N LEU B 190 26.63 12.60 -42.86
CA LEU B 190 27.24 12.56 -44.20
C LEU B 190 28.54 13.38 -44.28
N ALA B 191 28.61 14.46 -43.49
CA ALA B 191 29.82 15.27 -43.32
C ALA B 191 30.91 14.44 -42.64
N ALA B 192 30.53 13.73 -41.57
CA ALA B 192 31.47 13.00 -40.72
C ALA B 192 32.04 11.82 -41.48
N PHE B 193 31.15 11.12 -42.23
CA PHE B 193 31.48 10.08 -43.21
C PHE B 193 32.47 10.56 -44.27
N THR B 194 32.26 11.79 -44.79
CA THR B 194 33.16 12.43 -45.76
C THR B 194 34.54 12.67 -45.16
N VAL B 195 34.59 13.09 -43.87
CA VAL B 195 35.85 13.32 -43.14
C VAL B 195 36.61 11.99 -42.91
N GLU B 196 35.85 10.90 -42.63
CA GLU B 196 36.42 9.55 -42.48
C GLU B 196 37.00 9.01 -43.79
N LYS B 197 36.29 9.26 -44.91
CA LYS B 197 36.82 8.88 -46.23
C LYS B 197 38.01 9.73 -46.62
N LEU B 198 38.03 11.01 -46.20
CA LEU B 198 39.13 11.92 -46.49
C LEU B 198 40.39 11.61 -45.67
N VAL B 199 40.26 10.89 -44.55
CA VAL B 199 41.45 10.42 -43.84
C VAL B 199 41.76 8.96 -44.20
N LEU B 200 40.81 8.25 -44.83
CA LEU B 200 41.03 6.86 -45.17
C LEU B 200 41.86 6.73 -46.45
N GLN B 201 41.81 7.74 -47.32
CA GLN B 201 42.55 7.74 -48.56
C GLN B 201 43.84 8.54 -48.48
N LYS B 202 44.25 8.92 -47.25
CA LYS B 202 45.48 9.69 -46.92
C LYS B 202 45.52 11.08 -47.55
N TYR B 203 44.38 11.79 -47.55
CA TYR B 203 44.34 13.13 -48.13
C TYR B 203 44.55 14.23 -47.10
N ILE B 204 44.18 14.02 -45.84
CA ILE B 204 44.35 14.99 -44.76
C ILE B 204 45.00 14.28 -43.59
N SER B 205 45.62 15.06 -42.71
CA SER B 205 46.28 14.53 -41.52
C SER B 205 45.29 14.26 -40.39
N GLU B 206 45.77 13.56 -39.37
CA GLU B 206 45.01 13.13 -38.19
C GLU B 206 44.64 14.24 -37.18
N PRO B 207 45.48 15.27 -36.82
CA PRO B 207 44.93 16.39 -36.00
C PRO B 207 43.79 17.20 -36.62
N VAL B 208 43.69 17.26 -37.96
CA VAL B 208 42.63 18.00 -38.64
C VAL B 208 41.24 17.35 -38.44
N VAL B 209 41.18 16.02 -38.28
CA VAL B 209 39.91 15.28 -38.20
C VAL B 209 39.20 15.52 -36.86
N ILE B 210 39.96 15.77 -35.77
CA ILE B 210 39.41 16.09 -34.46
C ILE B 210 38.76 17.46 -34.48
N PHE B 211 39.43 18.43 -35.14
CA PHE B 211 38.96 19.80 -35.35
C PHE B 211 37.68 19.84 -36.20
N LEU B 212 37.65 19.02 -37.26
CA LEU B 212 36.50 18.91 -38.17
C LEU B 212 35.31 18.28 -37.45
N HIS B 213 35.56 17.26 -36.61
CA HIS B 213 34.53 16.61 -35.80
C HIS B 213 33.95 17.58 -34.75
N ILE B 214 34.81 18.46 -34.19
CA ILE B 214 34.39 19.52 -33.26
C ILE B 214 33.43 20.50 -33.96
N ILE B 215 33.76 20.91 -35.22
CA ILE B 215 32.92 21.82 -36.03
C ILE B 215 31.56 21.19 -36.37
N ILE B 216 31.56 19.88 -36.73
CA ILE B 216 30.34 19.12 -37.07
C ILE B 216 29.41 18.95 -35.85
N THR B 217 29.99 18.62 -34.66
CA THR B 217 29.20 18.41 -33.45
C THR B 217 28.63 19.72 -32.87
N MET B 218 29.43 20.80 -32.82
CA MET B 218 28.90 22.09 -32.34
C MET B 218 27.89 22.72 -33.30
N THR B 219 28.08 22.57 -34.64
CA THR B 219 27.08 23.04 -35.62
C THR B 219 25.76 22.26 -35.48
N GLU B 220 25.88 20.94 -35.27
CA GLU B 220 24.74 20.04 -35.08
C GLU B 220 23.99 20.34 -33.77
N VAL B 221 24.69 20.83 -32.73
CA VAL B 221 23.97 21.23 -31.52
C VAL B 221 23.36 22.63 -31.65
N LEU B 222 24.11 23.59 -32.24
CA LEU B 222 23.69 25.01 -32.23
C LEU B 222 22.56 25.33 -33.20
N TYR B 223 22.46 24.60 -34.35
CA TYR B 223 21.45 24.92 -35.36
C TYR B 223 20.00 24.65 -34.88
N PRO B 224 19.59 23.47 -34.28
CA PRO B 224 18.22 23.35 -33.75
C PRO B 224 17.89 24.26 -32.56
N VAL B 225 18.89 24.68 -31.77
CA VAL B 225 18.69 25.62 -30.66
C VAL B 225 18.23 26.98 -31.20
N TYR B 226 18.88 27.46 -32.27
CA TYR B 226 18.50 28.69 -32.96
C TYR B 226 17.13 28.57 -33.64
N VAL B 227 16.85 27.42 -34.26
CA VAL B 227 15.56 27.18 -34.94
C VAL B 227 14.41 27.11 -33.92
N THR B 228 14.64 26.47 -32.76
CA THR B 228 13.66 26.41 -31.68
C THR B 228 13.44 27.76 -31.01
N LEU B 229 14.53 28.53 -30.81
CA LEU B 229 14.42 29.83 -30.16
C LEU B 229 13.81 30.91 -31.04
N ARG B 230 13.91 30.78 -32.38
CA ARG B 230 13.40 31.88 -33.22
C ARG B 230 11.89 31.81 -33.42
N CYS B 231 11.39 30.77 -34.08
CA CYS B 231 9.96 30.68 -34.36
C CYS B 231 9.26 30.04 -33.17
N ASP B 232 8.16 30.67 -32.74
CA ASP B 232 7.37 30.20 -31.61
C ASP B 232 6.66 28.88 -31.92
N SER B 233 6.68 27.96 -30.96
CA SER B 233 6.09 26.64 -31.12
C SER B 233 5.65 26.13 -29.76
N ALA B 234 5.06 24.95 -29.75
CA ALA B 234 4.61 24.32 -28.51
C ALA B 234 5.77 23.65 -27.79
N PHE B 235 5.48 23.17 -26.59
CA PHE B 235 6.49 22.51 -25.78
C PHE B 235 6.78 21.09 -26.26
N LEU B 236 5.76 20.38 -26.75
CA LEU B 236 5.92 18.97 -27.10
C LEU B 236 6.56 18.78 -28.47
N SER B 237 6.57 19.80 -29.29
CA SER B 237 7.18 19.74 -30.61
C SER B 237 8.66 20.08 -30.53
N GLY B 238 9.03 20.85 -29.52
CA GLY B 238 10.41 21.22 -29.29
C GLY B 238 11.16 20.26 -28.39
N VAL B 239 10.43 19.49 -27.56
CA VAL B 239 11.02 18.43 -26.72
C VAL B 239 11.52 17.27 -27.59
N THR B 240 10.72 16.90 -28.62
CA THR B 240 11.06 15.84 -29.58
C THR B 240 12.28 16.21 -30.43
N LEU B 241 12.34 17.48 -30.91
CA LEU B 241 13.48 17.98 -31.69
C LEU B 241 14.76 18.03 -30.86
N MET B 242 14.65 18.40 -29.57
CA MET B 242 15.86 18.51 -28.74
C MET B 242 16.34 17.13 -28.29
N LEU B 243 15.41 16.17 -28.19
CA LEU B 243 15.78 14.80 -27.87
C LEU B 243 16.39 14.09 -29.08
N LEU B 244 16.06 14.53 -30.29
CA LEU B 244 16.73 13.98 -31.46
C LEU B 244 18.05 14.69 -31.69
N THR B 245 18.19 15.92 -31.14
CA THR B 245 19.44 16.68 -31.23
C THR B 245 20.47 16.09 -30.24
N CYS B 246 20.00 15.45 -29.16
N CYS B 246 19.99 15.46 -29.17
CA CYS B 246 20.93 14.83 -28.22
CA CYS B 246 20.92 14.86 -28.23
C CYS B 246 21.35 13.45 -28.68
C CYS B 246 21.34 13.46 -28.67
N ILE B 247 20.38 12.64 -29.17
CA ILE B 247 20.64 11.28 -29.69
C ILE B 247 21.57 11.27 -30.92
N VAL B 248 21.52 12.32 -31.76
CA VAL B 248 22.32 12.32 -33.00
C VAL B 248 23.75 12.78 -32.63
N TRP B 249 23.88 13.62 -31.57
CA TRP B 249 25.19 14.05 -31.08
C TRP B 249 25.92 12.92 -30.37
N LEU B 250 25.17 12.07 -29.64
CA LEU B 250 25.78 10.90 -28.97
C LEU B 250 26.23 9.84 -29.98
N LYS B 251 25.45 9.65 -31.07
CA LYS B 251 25.84 8.72 -32.14
C LYS B 251 27.05 9.23 -32.94
N LEU B 252 27.13 10.53 -33.23
CA LEU B 252 28.27 11.11 -33.97
C LEU B 252 29.58 11.05 -33.17
N VAL B 253 29.53 11.34 -31.85
CA VAL B 253 30.71 11.28 -30.97
C VAL B 253 31.21 9.83 -30.83
N SER B 254 30.26 8.87 -30.70
CA SER B 254 30.57 7.44 -30.61
C SER B 254 31.18 6.89 -31.91
N TYR B 255 30.63 7.31 -33.07
CA TYR B 255 31.11 6.90 -34.39
C TYR B 255 32.52 7.43 -34.66
N ALA B 256 32.78 8.70 -34.28
CA ALA B 256 34.10 9.34 -34.45
C ALA B 256 35.19 8.68 -33.59
N HIS B 257 34.88 8.42 -32.31
CA HIS B 257 35.83 7.82 -31.36
C HIS B 257 36.13 6.36 -31.72
N THR B 258 35.09 5.59 -32.10
CA THR B 258 35.24 4.19 -32.48
C THR B 258 36.00 4.04 -33.80
N SER B 259 35.76 4.96 -34.75
CA SER B 259 36.46 4.99 -36.04
C SER B 259 37.95 5.33 -35.86
N TYR B 260 38.26 6.28 -34.94
CA TYR B 260 39.65 6.61 -34.63
C TYR B 260 40.39 5.44 -33.98
N ASP B 261 39.71 4.72 -33.07
CA ASP B 261 40.31 3.56 -32.39
C ASP B 261 40.61 2.42 -33.35
N ILE B 262 39.69 2.16 -34.30
CA ILE B 262 39.88 1.13 -35.34
C ILE B 262 41.02 1.53 -36.29
N ARG B 263 41.11 2.83 -36.64
CA ARG B 263 42.18 3.36 -37.49
C ARG B 263 43.54 3.33 -36.79
N SER B 264 43.57 3.64 -35.48
CA SER B 264 44.79 3.60 -34.68
C SER B 264 45.29 2.17 -34.49
N LEU B 265 44.36 1.21 -34.35
CA LEU B 265 44.71 -0.20 -34.31
C LEU B 265 45.27 -0.68 -35.64
N ALA B 266 44.63 -0.28 -36.76
CA ALA B 266 45.07 -0.70 -38.09
C ALA B 266 46.37 -0.03 -38.54
N ASN B 267 46.71 1.15 -37.98
CA ASN B 267 47.93 1.86 -38.34
C ASN B 267 49.19 1.12 -37.88
N ALA B 268 49.14 0.55 -36.67
CA ALA B 268 50.30 -0.12 -36.08
C ALA B 268 50.53 -1.53 -36.61
N ALA B 269 49.58 -2.10 -37.36
CA ALA B 269 49.74 -3.44 -37.89
C ALA B 269 50.43 -3.47 -39.25
N ASP B 270 50.22 -2.42 -40.08
CA ASP B 270 50.76 -2.20 -41.44
C ASP B 270 50.31 -3.31 -42.42
N LYS B 271 49.12 -3.85 -42.21
CA LYS B 271 48.52 -4.82 -43.11
C LYS B 271 47.02 -4.58 -43.19
N ALA B 272 46.48 -4.60 -44.41
CA ALA B 272 45.07 -4.34 -44.67
C ALA B 272 44.51 -5.38 -45.64
N ASN B 273 44.04 -6.51 -45.10
CA ASN B 273 43.38 -7.51 -45.94
C ASN B 273 41.89 -7.16 -46.21
N PRO B 274 41.00 -6.74 -45.24
CA PRO B 274 39.68 -6.25 -45.66
C PRO B 274 39.74 -4.97 -46.48
N GLU B 275 38.85 -4.86 -47.47
CA GLU B 275 38.76 -3.70 -48.35
C GLU B 275 37.27 -3.40 -48.46
N VAL B 276 36.80 -2.53 -47.57
CA VAL B 276 35.38 -2.17 -47.49
C VAL B 276 35.09 -1.11 -48.54
N SER B 277 34.09 -1.39 -49.39
CA SER B 277 33.59 -0.41 -50.35
C SER B 277 32.84 0.73 -49.66
N TYR B 278 32.62 1.81 -50.42
CA TYR B 278 31.96 3.02 -49.92
C TYR B 278 30.48 2.79 -49.63
N TYR B 279 29.83 1.93 -50.42
CA TYR B 279 28.41 1.59 -50.25
C TYR B 279 28.15 0.83 -48.95
N VAL B 280 29.06 -0.09 -48.60
CA VAL B 280 28.94 -0.92 -47.38
C VAL B 280 29.14 -0.09 -46.12
N SER B 281 30.09 0.87 -46.14
CA SER B 281 30.35 1.77 -45.02
C SER B 281 29.18 2.73 -44.78
N LEU B 282 28.61 3.26 -45.88
CA LEU B 282 27.43 4.12 -45.83
C LEU B 282 26.21 3.36 -45.33
N LYS B 283 26.08 2.08 -45.73
CA LYS B 283 25.02 1.20 -45.24
C LYS B 283 25.16 0.91 -43.75
N SER B 284 26.40 0.72 -43.28
CA SER B 284 26.69 0.50 -41.86
C SER B 284 26.36 1.71 -41.00
N LEU B 285 26.74 2.92 -41.48
CA LEU B 285 26.44 4.18 -40.79
C LEU B 285 24.94 4.47 -40.79
N ALA B 286 24.26 4.20 -41.93
CA ALA B 286 22.82 4.40 -42.08
C ALA B 286 22.04 3.44 -41.19
N TYR B 287 22.52 2.20 -41.06
CA TYR B 287 21.92 1.24 -40.14
C TYR B 287 22.13 1.65 -38.69
N PHE B 288 23.30 2.23 -38.37
CA PHE B 288 23.62 2.67 -37.00
C PHE B 288 22.77 3.87 -36.57
N MET B 289 22.45 4.79 -37.49
CA MET B 289 21.70 6.02 -37.14
C MET B 289 20.24 5.79 -36.77
N VAL B 290 19.65 4.66 -37.16
CA VAL B 290 18.26 4.36 -36.82
C VAL B 290 18.11 3.19 -35.85
N ALA B 291 19.20 2.48 -35.51
CA ALA B 291 19.15 1.34 -34.59
C ALA B 291 18.92 1.78 -33.14
N PRO B 292 18.35 0.88 -32.25
CA PRO B 292 18.15 1.30 -30.84
C PRO B 292 19.37 1.11 -29.95
N THR B 293 20.47 1.77 -30.29
CA THR B 293 21.72 1.70 -29.55
C THR B 293 22.50 2.98 -29.81
N LEU B 294 23.40 3.29 -28.89
CA LEU B 294 24.25 4.47 -28.98
C LEU B 294 25.72 4.15 -29.24
N CYS B 295 26.08 2.87 -29.38
CA CYS B 295 27.47 2.46 -29.55
C CYS B 295 27.70 1.95 -30.97
N TYR B 296 28.69 2.51 -31.65
CA TYR B 296 28.92 2.19 -33.04
C TYR B 296 29.68 0.88 -33.20
N GLN B 297 29.20 0.03 -34.11
CA GLN B 297 29.85 -1.19 -34.53
C GLN B 297 29.66 -1.34 -36.03
N PRO B 298 30.65 -1.91 -36.76
CA PRO B 298 30.45 -2.23 -38.18
C PRO B 298 29.38 -3.29 -38.46
N SER B 299 29.11 -4.19 -37.51
CA SER B 299 28.06 -5.19 -37.64
C SER B 299 27.54 -5.54 -36.25
N TYR B 300 26.32 -6.04 -36.21
CA TYR B 300 25.62 -6.42 -34.99
C TYR B 300 25.05 -7.82 -35.17
N PRO B 301 24.76 -8.54 -34.07
CA PRO B 301 23.95 -9.77 -34.19
C PRO B 301 22.54 -9.49 -34.68
N ARG B 302 22.03 -10.36 -35.54
CA ARG B 302 20.76 -10.15 -36.20
C ARG B 302 19.68 -11.09 -35.67
N SER B 303 18.45 -10.71 -35.93
CA SER B 303 17.27 -11.49 -35.54
C SER B 303 16.87 -12.40 -36.70
N ALA B 304 15.90 -13.30 -36.42
CA ALA B 304 15.46 -14.30 -37.38
C ALA B 304 14.67 -13.68 -38.53
N CYS B 305 13.55 -13.05 -38.23
CA CYS B 305 12.67 -12.42 -39.23
C CYS B 305 11.82 -11.36 -38.53
N ILE B 306 10.82 -10.87 -39.23
CA ILE B 306 9.90 -9.86 -38.71
C ILE B 306 8.53 -10.51 -38.51
N ARG B 307 7.97 -10.35 -37.32
CA ARG B 307 6.66 -10.88 -36.98
C ARG B 307 5.65 -9.75 -37.08
N LYS B 308 4.71 -9.86 -38.02
CA LYS B 308 3.77 -8.77 -38.32
C LYS B 308 2.70 -8.59 -37.25
N GLY B 309 2.13 -9.72 -36.78
CA GLY B 309 1.10 -9.70 -35.75
C GLY B 309 1.61 -9.22 -34.41
N TRP B 310 2.86 -9.58 -34.08
CA TRP B 310 3.55 -9.11 -32.87
C TRP B 310 3.74 -7.59 -32.89
N VAL B 311 4.15 -7.03 -34.06
CA VAL B 311 4.38 -5.59 -34.25
C VAL B 311 3.08 -4.82 -34.15
N ALA B 312 2.00 -5.39 -34.72
CA ALA B 312 0.64 -4.82 -34.67
C ALA B 312 0.09 -4.80 -33.23
N ARG B 313 0.32 -5.89 -32.48
CA ARG B 313 -0.11 -5.98 -31.08
C ARG B 313 0.62 -5.00 -30.16
N GLN B 314 1.97 -4.87 -30.32
CA GLN B 314 2.77 -3.91 -29.52
C GLN B 314 2.42 -2.46 -29.85
N PHE B 315 2.15 -2.18 -31.14
CA PHE B 315 1.75 -0.85 -31.59
C PHE B 315 0.38 -0.46 -31.05
N ALA B 316 -0.56 -1.45 -30.98
CA ALA B 316 -1.89 -1.24 -30.41
C ALA B 316 -1.81 -0.93 -28.90
N LYS B 317 -0.93 -1.65 -28.18
CA LYS B 317 -0.68 -1.38 -26.75
C LYS B 317 -0.03 -0.01 -26.53
N LEU B 318 0.87 0.39 -27.46
CA LEU B 318 1.51 1.72 -27.41
C LEU B 318 0.50 2.85 -27.57
N VAL B 319 -0.47 2.68 -28.50
CA VAL B 319 -1.53 3.67 -28.74
C VAL B 319 -2.47 3.79 -27.52
N ILE B 320 -2.86 2.64 -26.92
CA ILE B 320 -3.74 2.60 -25.74
C ILE B 320 -3.08 3.22 -24.49
N PHE B 321 -1.81 2.88 -24.24
CA PHE B 321 -1.07 3.42 -23.08
C PHE B 321 -0.71 4.91 -23.24
N THR B 322 -0.43 5.37 -24.48
CA THR B 322 -0.19 6.78 -24.76
C THR B 322 -1.46 7.62 -24.57
N GLY B 323 -2.62 7.06 -24.97
CA GLY B 323 -3.93 7.68 -24.71
C GLY B 323 -4.27 7.75 -23.23
N PHE B 324 -3.87 6.70 -22.49
CA PHE B 324 -4.02 6.65 -21.03
C PHE B 324 -3.18 7.72 -20.34
N MET B 325 -1.94 7.94 -20.83
CA MET B 325 -1.03 9.00 -20.35
C MET B 325 -1.59 10.40 -20.56
N GLY B 326 -2.19 10.61 -21.75
CA GLY B 326 -2.85 11.87 -22.08
C GLY B 326 -4.06 12.16 -21.20
N PHE B 327 -4.86 11.12 -20.89
CA PHE B 327 -6.01 11.26 -20.00
C PHE B 327 -5.60 11.58 -18.55
N ILE B 328 -4.53 10.94 -18.03
CA ILE B 328 -4.03 11.22 -16.67
C ILE B 328 -3.47 12.65 -16.54
N ILE B 329 -2.74 13.12 -17.57
CA ILE B 329 -2.19 14.49 -17.58
C ILE B 329 -3.30 15.54 -17.72
N GLU B 330 -4.32 15.27 -18.57
CA GLU B 330 -5.39 16.23 -18.80
C GLU B 330 -6.37 16.32 -17.62
N GLN B 331 -6.78 15.18 -17.08
CA GLN B 331 -7.88 15.15 -16.13
C GLN B 331 -7.41 15.37 -14.69
N TYR B 332 -6.17 15.02 -14.37
CA TYR B 332 -5.72 15.01 -12.97
C TYR B 332 -4.55 15.93 -12.69
N ILE B 333 -3.50 15.92 -13.52
CA ILE B 333 -2.31 16.74 -13.30
C ILE B 333 -2.63 18.23 -13.54
N ASN B 334 -3.46 18.52 -14.56
CA ASN B 334 -3.80 19.90 -14.96
C ASN B 334 -4.60 20.71 -13.91
N PRO B 335 -5.72 20.22 -13.28
CA PRO B 335 -6.33 21.03 -12.21
C PRO B 335 -5.47 21.21 -10.94
N ILE B 336 -4.62 20.23 -10.58
CA ILE B 336 -3.70 20.38 -9.44
C ILE B 336 -2.65 21.45 -9.75
N VAL B 337 -2.07 21.41 -10.95
CA VAL B 337 -1.00 22.32 -11.36
C VAL B 337 -1.52 23.74 -11.61
N ARG B 338 -2.77 23.87 -12.10
CA ARG B 338 -3.39 25.18 -12.35
C ARG B 338 -3.71 25.95 -11.06
N ASN B 339 -4.29 25.27 -10.08
CA ASN B 339 -4.67 25.90 -8.80
C ASN B 339 -3.59 25.64 -7.75
N SER B 340 -2.48 26.39 -7.87
CA SER B 340 -1.37 26.33 -6.92
C SER B 340 -0.54 27.60 -7.07
N LYS B 341 0.50 27.70 -6.24
CA LYS B 341 1.42 28.83 -6.22
C LYS B 341 2.84 28.32 -6.34
N HIS B 342 3.79 29.26 -6.35
CA HIS B 342 5.22 28.95 -6.39
C HIS B 342 5.67 28.31 -5.08
N PRO B 343 6.51 27.26 -5.14
CA PRO B 343 6.90 26.54 -3.89
C PRO B 343 7.76 27.32 -2.90
N LEU B 344 8.46 28.38 -3.34
CA LEU B 344 9.23 29.23 -2.42
C LEU B 344 8.63 30.63 -2.31
N LYS B 345 7.31 30.73 -2.37
CA LYS B 345 6.63 32.01 -2.22
C LYS B 345 5.52 31.97 -1.17
N GLY B 346 4.81 30.86 -1.05
CA GLY B 346 3.70 30.73 -0.13
C GLY B 346 4.15 30.08 1.17
N ASP B 347 3.14 29.62 1.94
CA ASP B 347 3.38 28.88 3.18
C ASP B 347 4.03 27.53 2.89
N LEU B 348 4.84 27.07 3.84
CA LEU B 348 5.58 25.81 3.70
C LEU B 348 4.68 24.58 3.70
N LEU B 349 3.63 24.59 4.55
CA LEU B 349 2.66 23.49 4.67
C LEU B 349 1.83 23.32 3.40
N TYR B 350 1.47 24.45 2.78
CA TYR B 350 0.75 24.48 1.51
C TYR B 350 1.60 23.89 0.37
N ALA B 351 2.90 24.22 0.34
CA ALA B 351 3.83 23.72 -0.67
C ALA B 351 4.07 22.22 -0.54
N ILE B 352 4.21 21.72 0.71
CA ILE B 352 4.36 20.28 0.99
C ILE B 352 3.10 19.51 0.60
N GLU B 353 1.91 20.10 0.88
CA GLU B 353 0.61 19.52 0.53
C GLU B 353 0.40 19.45 -0.99
N ARG B 354 0.81 20.50 -1.73
CA ARG B 354 0.70 20.50 -3.21
C ARG B 354 1.63 19.47 -3.87
N VAL B 355 2.88 19.33 -3.35
CA VAL B 355 3.83 18.34 -3.88
C VAL B 355 3.35 16.90 -3.59
N LEU B 356 2.81 16.66 -2.38
CA LEU B 356 2.26 15.35 -2.00
C LEU B 356 0.98 15.02 -2.76
N LYS B 357 0.17 16.05 -3.08
CA LYS B 357 -1.01 15.86 -3.92
C LYS B 357 -0.63 15.52 -5.36
N LEU B 358 0.40 16.18 -5.89
CA LEU B 358 0.81 15.96 -7.28
C LEU B 358 1.58 14.65 -7.47
N SER B 359 2.19 14.10 -6.41
CA SER B 359 3.11 12.96 -6.51
C SER B 359 2.44 11.62 -6.89
N VAL B 360 1.14 11.49 -6.69
CA VAL B 360 0.45 10.22 -6.97
C VAL B 360 0.24 10.06 -8.50
N PRO B 361 -0.44 10.95 -9.30
CA PRO B 361 -0.52 10.66 -10.76
C PRO B 361 0.79 10.83 -11.53
N ASN B 362 1.76 11.58 -10.98
CA ASN B 362 3.10 11.75 -11.53
C ASN B 362 3.86 10.43 -11.62
N LEU B 363 3.68 9.57 -10.60
CA LEU B 363 4.26 8.23 -10.55
C LEU B 363 3.72 7.34 -11.65
N TYR B 364 2.39 7.43 -11.90
CA TYR B 364 1.69 6.70 -12.96
C TYR B 364 2.17 7.12 -14.34
N VAL B 365 2.37 8.44 -14.54
CA VAL B 365 2.89 8.99 -15.78
C VAL B 365 4.35 8.57 -16.04
N TRP B 366 5.19 8.52 -14.97
CA TRP B 366 6.60 8.10 -15.10
C TRP B 366 6.74 6.62 -15.45
N LEU B 367 5.97 5.73 -14.77
CA LEU B 367 5.99 4.29 -15.05
C LEU B 367 5.41 3.98 -16.44
N CYS B 368 4.32 4.68 -16.81
CA CYS B 368 3.72 4.58 -18.14
C CYS B 368 4.67 5.07 -19.24
N MET B 369 5.44 6.13 -18.94
CA MET B 369 6.45 6.70 -19.85
C MET B 369 7.57 5.72 -20.11
N PHE B 370 8.04 5.05 -19.03
CA PHE B 370 9.08 4.02 -19.11
C PHE B 370 8.61 2.84 -19.94
N TYR B 371 7.36 2.38 -19.69
CA TYR B 371 6.80 1.24 -20.41
C TYR B 371 6.55 1.55 -21.88
N CYS B 372 6.14 2.80 -22.19
CA CYS B 372 5.91 3.19 -23.59
C CYS B 372 7.21 3.34 -24.37
N PHE B 373 8.22 3.99 -23.78
CA PHE B 373 9.44 4.22 -24.54
C PHE B 373 10.36 3.00 -24.49
N PHE B 374 10.80 2.62 -23.30
CA PHE B 374 11.92 1.70 -23.13
C PHE B 374 11.55 0.24 -23.36
N HIS B 375 10.27 -0.09 -23.45
CA HIS B 375 9.84 -1.46 -23.67
C HIS B 375 9.11 -1.64 -25.00
N LEU B 376 8.10 -0.81 -25.27
CA LEU B 376 7.26 -1.01 -26.44
C LEU B 376 7.94 -0.55 -27.73
N TRP B 377 8.38 0.71 -27.76
CA TRP B 377 8.88 1.39 -28.97
C TRP B 377 10.23 0.85 -29.44
N LEU B 378 11.15 0.60 -28.49
CA LEU B 378 12.48 0.09 -28.81
C LEU B 378 12.41 -1.35 -29.34
N ASN B 379 11.47 -2.16 -28.83
CA ASN B 379 11.26 -3.51 -29.33
C ASN B 379 10.63 -3.51 -30.72
N ILE B 380 9.72 -2.55 -31.00
CA ILE B 380 9.13 -2.40 -32.34
C ILE B 380 10.19 -1.98 -33.36
N LEU B 381 11.08 -1.04 -32.97
CA LEU B 381 12.20 -0.58 -33.80
C LEU B 381 13.24 -1.69 -34.04
N ALA B 382 13.54 -2.48 -32.99
CA ALA B 382 14.46 -3.61 -33.09
C ALA B 382 13.89 -4.75 -33.95
N GLU B 383 12.56 -4.97 -33.87
CA GLU B 383 11.91 -5.99 -34.68
C GLU B 383 11.90 -5.60 -36.16
N LEU B 384 11.61 -4.32 -36.47
CA LEU B 384 11.61 -3.86 -37.86
C LEU B 384 13.02 -3.80 -38.45
N LEU B 385 14.03 -3.56 -37.63
CA LEU B 385 15.40 -3.45 -38.15
C LEU B 385 16.18 -4.75 -38.04
N CYS B 386 15.55 -5.81 -37.50
CA CYS B 386 16.11 -7.16 -37.22
C CYS B 386 17.30 -7.08 -36.26
N PHE B 387 17.19 -6.23 -35.25
CA PHE B 387 18.26 -6.03 -34.29
C PHE B 387 18.20 -7.13 -33.24
N GLY B 388 19.31 -7.86 -33.06
CA GLY B 388 19.38 -9.00 -32.17
C GLY B 388 19.34 -8.70 -30.68
N ASP B 389 20.28 -7.87 -30.21
CA ASP B 389 20.37 -7.51 -28.80
C ASP B 389 19.19 -6.63 -28.42
N ARG B 390 18.53 -6.94 -27.32
CA ARG B 390 17.36 -6.18 -26.91
C ARG B 390 17.33 -5.90 -25.41
N GLU B 391 18.46 -5.96 -24.71
CA GLU B 391 18.48 -5.65 -23.30
C GLU B 391 18.63 -4.13 -23.19
N PHE B 392 17.49 -3.45 -23.19
CA PHE B 392 17.45 -1.99 -23.16
C PHE B 392 17.34 -1.43 -21.75
N TYR B 393 17.21 -2.29 -20.73
CA TYR B 393 17.08 -1.96 -19.31
C TYR B 393 17.22 -3.24 -18.50
N LYS B 394 17.28 -3.06 -17.18
CA LYS B 394 17.27 -4.15 -16.20
C LYS B 394 16.16 -3.84 -15.21
N ASP B 395 16.09 -4.59 -14.11
CA ASP B 395 15.10 -4.39 -13.04
C ASP B 395 15.59 -3.28 -12.09
N TRP B 396 15.40 -2.02 -12.51
CA TRP B 396 15.80 -0.85 -11.72
C TRP B 396 14.93 -0.61 -10.49
N TRP B 397 13.72 -1.18 -10.45
CA TRP B 397 12.82 -1.01 -9.31
C TRP B 397 13.26 -1.75 -8.04
N ASN B 398 14.19 -2.71 -8.15
CA ASN B 398 14.78 -3.39 -7.00
C ASN B 398 16.11 -2.80 -6.56
N ALA B 399 16.39 -1.54 -6.91
CA ALA B 399 17.66 -0.89 -6.58
C ALA B 399 17.76 -0.58 -5.09
N LYS B 400 18.90 -0.89 -4.50
CA LYS B 400 19.14 -0.64 -3.08
C LYS B 400 19.80 0.71 -2.80
N SER B 401 20.08 1.52 -3.83
CA SER B 401 20.64 2.86 -3.70
C SER B 401 20.40 3.62 -5.00
N VAL B 402 20.82 4.89 -4.98
CA VAL B 402 20.66 5.80 -6.11
C VAL B 402 21.61 5.41 -7.25
N GLY B 403 22.86 5.03 -6.88
CA GLY B 403 23.87 4.58 -7.84
C GLY B 403 23.53 3.28 -8.53
N ASP B 404 22.81 2.39 -7.82
CA ASP B 404 22.28 1.16 -8.39
C ASP B 404 21.25 1.46 -9.47
N TYR B 405 20.37 2.45 -9.23
CA TYR B 405 19.34 2.89 -10.20
C TYR B 405 19.98 3.50 -11.42
N TRP B 406 21.00 4.36 -11.24
CA TRP B 406 21.73 4.98 -12.34
C TRP B 406 22.56 3.96 -13.13
N ARG B 407 22.95 2.86 -12.49
CA ARG B 407 23.66 1.80 -13.17
C ARG B 407 22.71 0.93 -14.02
N MET B 408 21.41 0.77 -13.64
CA MET B 408 20.58 -0.10 -14.49
C MET B 408 19.25 0.51 -15.01
N TRP B 409 19.13 1.83 -15.18
CA TRP B 409 17.87 2.37 -15.71
C TRP B 409 17.82 2.45 -17.23
N ASN B 410 18.98 2.53 -17.89
CA ASN B 410 19.03 2.84 -19.32
C ASN B 410 20.33 2.23 -19.83
N MET B 411 20.22 1.07 -20.49
CA MET B 411 21.40 0.35 -20.97
C MET B 411 22.22 1.07 -22.07
N PRO B 412 21.64 1.68 -23.19
CA PRO B 412 22.52 2.39 -24.17
C PRO B 412 23.31 3.59 -23.65
N VAL B 413 22.68 4.41 -22.79
CA VAL B 413 23.33 5.58 -22.20
C VAL B 413 24.44 5.14 -21.22
N HIS B 414 24.20 4.05 -20.46
CA HIS B 414 25.19 3.49 -19.51
C HIS B 414 26.41 2.91 -20.23
N LYS B 415 26.19 2.17 -21.34
CA LYS B 415 27.29 1.63 -22.16
C LYS B 415 28.07 2.75 -22.85
N TRP B 416 27.36 3.81 -23.31
CA TRP B 416 28.01 4.97 -23.92
C TRP B 416 28.88 5.73 -22.92
N MET B 417 28.39 5.93 -21.69
CA MET B 417 29.17 6.61 -20.64
C MET B 417 30.36 5.78 -20.19
N VAL B 418 30.20 4.45 -20.14
CA VAL B 418 31.31 3.56 -19.76
C VAL B 418 32.38 3.54 -20.86
N ARG B 419 31.97 3.48 -22.13
CA ARG B 419 32.93 3.32 -23.22
C ARG B 419 33.60 4.65 -23.60
N HIS B 420 32.88 5.77 -23.54
CA HIS B 420 33.36 7.00 -24.15
C HIS B 420 33.75 8.10 -23.16
N ILE B 421 33.37 8.01 -21.88
CA ILE B 421 33.66 9.06 -20.90
C ILE B 421 34.44 8.47 -19.72
N TYR B 422 34.24 7.19 -19.44
CA TYR B 422 34.78 6.61 -18.21
C TYR B 422 36.20 6.07 -18.42
N PHE B 423 36.33 5.11 -19.31
CA PHE B 423 37.58 4.44 -19.64
C PHE B 423 38.63 5.34 -20.33
N PRO B 424 38.33 6.28 -21.29
CA PRO B 424 39.37 7.27 -21.67
C PRO B 424 39.86 8.16 -20.54
N CYS B 425 39.00 8.52 -19.58
CA CYS B 425 39.44 9.25 -18.39
C CYS B 425 40.31 8.38 -17.51
N LEU B 426 40.01 7.07 -17.42
CA LEU B 426 40.82 6.17 -16.60
C LEU B 426 42.18 5.91 -17.24
N ARG B 427 42.24 5.84 -18.59
CA ARG B 427 43.51 5.62 -19.27
C ARG B 427 44.44 6.84 -19.19
N SER B 428 43.88 8.04 -19.08
CA SER B 428 44.65 9.28 -19.00
C SER B 428 45.05 9.70 -17.59
N LYS B 429 44.92 8.80 -16.59
CA LYS B 429 45.31 8.95 -15.17
C LYS B 429 44.54 10.08 -14.45
N ILE B 430 43.30 10.34 -14.86
CA ILE B 430 42.39 11.22 -14.14
C ILE B 430 41.87 10.38 -12.97
N PRO B 431 41.64 10.94 -11.77
CA PRO B 431 41.10 10.15 -10.66
C PRO B 431 39.66 9.69 -10.87
N LYS B 432 39.32 8.62 -10.14
CA LYS B 432 38.04 7.93 -10.25
C LYS B 432 36.85 8.75 -9.76
N THR B 433 37.06 9.75 -8.91
CA THR B 433 35.98 10.57 -8.39
C THR B 433 35.68 11.80 -9.25
N LEU B 434 36.45 12.02 -10.31
CA LEU B 434 36.25 13.14 -11.23
C LEU B 434 35.54 12.76 -12.52
N ALA B 435 35.66 11.48 -12.94
CA ALA B 435 34.97 10.92 -14.10
C ALA B 435 33.45 10.90 -13.91
N ILE B 436 33.00 10.67 -12.67
CA ILE B 436 31.59 10.74 -12.26
C ILE B 436 31.05 12.15 -12.46
N ILE B 437 31.85 13.16 -12.07
CA ILE B 437 31.51 14.58 -12.21
C ILE B 437 31.42 14.98 -13.68
N ILE B 438 32.32 14.43 -14.52
CA ILE B 438 32.32 14.69 -15.98
C ILE B 438 31.08 14.08 -16.66
N ALA B 439 30.73 12.82 -16.29
CA ALA B 439 29.57 12.10 -16.85
C ALA B 439 28.23 12.74 -16.46
N PHE B 440 28.10 13.09 -15.17
CA PHE B 440 26.93 13.81 -14.66
C PHE B 440 26.85 15.23 -15.20
N LEU B 441 28.01 15.86 -15.51
CA LEU B 441 28.05 17.18 -16.12
C LEU B 441 27.49 17.18 -17.54
N VAL B 442 27.85 16.15 -18.34
CA VAL B 442 27.34 15.97 -19.71
C VAL B 442 25.83 15.74 -19.71
N SER B 443 25.38 14.86 -18.79
CA SER B 443 23.97 14.54 -18.61
C SER B 443 23.15 15.73 -18.11
N ALA B 444 23.72 16.52 -17.18
CA ALA B 444 23.07 17.70 -16.62
C ALA B 444 22.91 18.81 -17.65
N VAL B 445 23.94 19.02 -18.49
CA VAL B 445 23.92 20.02 -19.58
C VAL B 445 22.87 19.67 -20.63
N PHE B 446 22.81 18.38 -21.03
CA PHE B 446 21.86 17.96 -22.06
C PHE B 446 20.41 17.91 -21.55
N ALA B 447 20.22 17.49 -20.28
CA ALA B 447 18.90 17.49 -19.63
C ALA B 447 18.35 18.90 -19.42
N GLU B 448 19.23 19.83 -18.98
CA GLU B 448 18.89 21.24 -18.78
C GLU B 448 18.55 21.92 -20.10
N LEU B 449 19.27 21.53 -21.16
CA LEU B 449 19.02 21.99 -22.52
C LEU B 449 17.65 21.54 -23.03
N CYS B 450 17.31 20.25 -22.81
CA CYS B 450 16.00 19.68 -23.21
C CYS B 450 14.81 20.29 -22.48
N ILE B 451 14.97 20.67 -21.21
CA ILE B 451 13.83 21.26 -20.51
C ILE B 451 13.79 22.79 -20.76
N ALA B 452 14.94 23.42 -21.00
CA ALA B 452 14.99 24.87 -20.99
C ALA B 452 14.84 25.53 -22.35
N VAL B 453 15.30 24.91 -23.44
CA VAL B 453 15.16 25.48 -24.79
C VAL B 453 13.68 25.54 -25.23
N PRO B 454 12.80 24.48 -25.14
CA PRO B 454 11.35 24.71 -25.42
C PRO B 454 10.61 25.65 -24.47
N CYS B 455 10.99 25.68 -23.18
CA CYS B 455 10.35 26.57 -22.22
C CYS B 455 10.79 28.02 -22.32
N ARG B 456 11.96 28.28 -22.96
CA ARG B 456 12.61 29.59 -23.15
C ARG B 456 13.01 30.24 -21.82
N LEU B 457 13.30 29.45 -20.79
CA LEU B 457 13.74 29.96 -19.51
C LEU B 457 15.21 29.62 -19.28
N PHE B 458 15.90 30.48 -18.54
CA PHE B 458 17.27 30.21 -18.12
C PHE B 458 17.24 30.10 -16.61
N LYS B 459 16.92 28.91 -16.13
CA LYS B 459 16.90 28.60 -14.70
C LYS B 459 17.39 27.16 -14.55
N LEU B 460 18.40 26.97 -13.72
CA LEU B 460 19.11 25.69 -13.62
C LEU B 460 18.49 24.82 -12.53
N TRP B 461 17.22 24.44 -12.70
CA TRP B 461 16.59 23.53 -11.75
C TRP B 461 17.01 22.09 -12.02
N ALA B 462 16.82 21.65 -13.28
CA ALA B 462 17.19 20.32 -13.73
C ALA B 462 18.69 20.09 -13.72
N PHE B 463 19.49 21.14 -14.01
CA PHE B 463 20.95 21.08 -14.00
C PHE B 463 21.50 20.79 -12.61
N LEU B 464 21.04 21.54 -11.60
CA LEU B 464 21.44 21.32 -10.20
C LEU B 464 20.87 20.01 -9.66
N GLY B 465 19.68 19.61 -10.13
CA GLY B 465 19.11 18.33 -9.73
C GLY B 465 19.91 17.13 -10.22
N ILE B 466 20.45 17.18 -11.45
CA ILE B 466 21.32 16.10 -11.91
C ILE B 466 22.70 16.19 -11.23
N MET B 467 23.21 17.43 -11.00
CA MET B 467 24.53 17.56 -10.35
C MET B 467 24.51 17.32 -8.85
N PHE B 468 23.35 17.31 -8.19
CA PHE B 468 23.27 16.93 -6.79
C PHE B 468 23.28 15.40 -6.58
N GLN B 469 23.25 14.59 -7.64
CA GLN B 469 23.22 13.15 -7.54
C GLN B 469 24.56 12.53 -7.13
N VAL B 470 25.67 13.26 -7.17
CA VAL B 470 27.00 12.75 -6.80
C VAL B 470 27.09 12.66 -5.26
N PRO B 471 26.83 13.72 -4.40
CA PRO B 471 26.76 13.46 -2.94
C PRO B 471 25.62 12.55 -2.51
N LEU B 472 24.52 12.51 -3.28
CA LEU B 472 23.42 11.57 -3.04
C LEU B 472 23.87 10.12 -3.23
N VAL B 473 24.73 9.85 -4.24
CA VAL B 473 25.29 8.51 -4.47
C VAL B 473 26.20 8.10 -3.30
N PHE B 474 27.08 9.04 -2.88
CA PHE B 474 28.01 8.79 -1.77
C PHE B 474 27.29 8.64 -0.41
N ILE B 475 26.20 9.40 -0.18
CA ILE B 475 25.43 9.26 1.05
C ILE B 475 24.61 7.97 1.07
N THR B 476 23.94 7.62 -0.06
CA THR B 476 23.06 6.45 -0.10
C THR B 476 23.81 5.13 -0.11
N ASN B 477 25.06 5.10 -0.61
CA ASN B 477 25.92 3.91 -0.47
C ASN B 477 26.22 3.62 1.00
N TYR B 478 26.51 4.67 1.77
CA TYR B 478 26.77 4.58 3.21
C TYR B 478 25.52 4.17 3.99
N LEU B 479 24.36 4.76 3.66
CA LEU B 479 23.10 4.37 4.31
C LEU B 479 22.64 2.96 3.92
N GLN B 480 22.96 2.52 2.69
CA GLN B 480 22.71 1.14 2.25
C GLN B 480 23.54 0.16 3.08
N GLU B 481 24.85 0.46 3.24
CA GLU B 481 25.74 -0.37 4.06
C GLU B 481 25.39 -0.32 5.55
N ARG B 482 24.83 0.80 6.02
CA ARG B 482 24.43 0.92 7.42
C ARG B 482 23.11 0.20 7.73
N PHE B 483 22.11 0.35 6.87
CA PHE B 483 20.74 0.00 7.26
C PHE B 483 20.05 -1.03 6.39
N GLY B 484 20.66 -1.49 5.30
CA GLY B 484 20.08 -2.57 4.52
C GLY B 484 19.40 -2.09 3.26
N SER B 485 19.12 -3.07 2.39
CA SER B 485 18.59 -2.84 1.04
C SER B 485 17.16 -2.30 1.03
N THR B 486 16.33 -2.71 2.00
CA THR B 486 14.93 -2.27 2.10
C THR B 486 14.82 -0.77 2.43
N VAL B 487 15.62 -0.32 3.40
CA VAL B 487 15.68 1.09 3.81
C VAL B 487 16.27 1.95 2.70
N GLY B 488 17.27 1.40 1.98
CA GLY B 488 17.91 2.06 0.83
C GLY B 488 16.97 2.25 -0.35
N ASN B 489 16.17 1.21 -0.65
CA ASN B 489 15.16 1.24 -1.71
C ASN B 489 14.04 2.22 -1.36
N MET B 490 13.65 2.27 -0.07
CA MET B 490 12.63 3.20 0.42
C MET B 490 13.11 4.66 0.36
N ILE B 491 14.40 4.89 0.66
CA ILE B 491 15.01 6.22 0.55
C ILE B 491 15.08 6.67 -0.91
N PHE B 492 15.36 5.71 -1.84
CA PHE B 492 15.35 5.97 -3.30
C PHE B 492 13.97 6.35 -3.81
N TRP B 493 12.92 5.62 -3.37
CA TRP B 493 11.54 5.90 -3.75
C TRP B 493 11.05 7.25 -3.21
N PHE B 494 11.40 7.57 -1.94
CA PHE B 494 11.03 8.83 -1.31
CA PHE B 494 11.01 8.82 -1.32
C PHE B 494 11.70 10.03 -1.98
N ILE B 495 12.99 9.90 -2.30
CA ILE B 495 13.76 11.00 -2.90
C ILE B 495 13.32 11.24 -4.34
N PHE B 496 13.01 10.16 -5.07
CA PHE B 496 12.73 10.33 -6.48
C PHE B 496 11.26 10.62 -6.78
N CYS B 497 10.32 9.87 -6.19
CA CYS B 497 8.93 9.97 -6.63
C CYS B 497 8.08 10.93 -5.82
N ILE B 498 8.43 11.20 -4.58
CA ILE B 498 7.60 12.01 -3.72
C ILE B 498 8.13 13.43 -3.55
N PHE B 499 9.42 13.65 -3.81
CA PHE B 499 9.96 14.98 -3.60
C PHE B 499 10.46 15.61 -4.89
N GLY B 500 11.35 14.95 -5.66
CA GLY B 500 12.06 15.57 -6.78
C GLY B 500 11.26 16.01 -8.01
N GLN B 501 10.58 15.03 -8.64
CA GLN B 501 9.82 15.26 -9.88
C GLN B 501 8.62 16.22 -9.74
N PRO B 502 7.68 16.13 -8.71
CA PRO B 502 6.61 17.17 -8.60
C PRO B 502 7.09 18.59 -8.33
N MET B 503 8.18 18.73 -7.54
CA MET B 503 8.80 20.03 -7.26
C MET B 503 9.39 20.62 -8.54
N CYS B 504 10.04 19.77 -9.37
CA CYS B 504 10.60 20.20 -10.67
C CYS B 504 9.51 20.66 -11.64
N VAL B 505 8.37 19.93 -11.67
CA VAL B 505 7.22 20.25 -12.53
C VAL B 505 6.58 21.59 -12.10
N LEU B 506 6.39 21.79 -10.78
CA LEU B 506 5.82 23.04 -10.23
C LEU B 506 6.72 24.26 -10.44
N LEU B 507 8.05 24.09 -10.26
CA LEU B 507 9.04 25.17 -10.47
C LEU B 507 9.08 25.62 -11.93
N TYR B 508 9.13 24.65 -12.87
CA TYR B 508 9.21 24.97 -14.30
C TYR B 508 7.90 25.56 -14.82
N TYR B 509 6.74 25.06 -14.32
CA TYR B 509 5.42 25.59 -14.71
C TYR B 509 5.22 27.03 -14.22
N HIS B 510 5.54 27.28 -12.93
CA HIS B 510 5.30 28.60 -12.36
C HIS B 510 6.31 29.63 -12.86
N ASP B 511 7.53 29.19 -13.19
CA ASP B 511 8.51 30.08 -13.83
C ASP B 511 8.09 30.43 -15.27
N LEU B 512 7.54 29.44 -16.00
CA LEU B 512 7.02 29.66 -17.36
C LEU B 512 5.80 30.59 -17.35
N MET B 513 4.88 30.38 -16.40
CA MET B 513 3.70 31.24 -16.24
C MET B 513 4.06 32.63 -15.74
N ASN B 514 5.14 32.74 -14.95
CA ASN B 514 5.68 34.03 -14.53
C ASN B 514 6.24 34.82 -15.71
N ARG B 515 6.93 34.13 -16.64
CA ARG B 515 7.46 34.78 -17.84
C ARG B 515 6.34 35.26 -18.77
N LYS B 516 5.32 34.41 -18.97
CA LYS B 516 4.20 34.75 -19.87
C LYS B 516 3.22 35.75 -19.28
N GLY B 517 3.24 35.97 -17.97
CA GLY B 517 2.36 36.94 -17.33
C GLY B 517 1.05 36.31 -16.89
#